data_3RTQ
#
_entry.id   3RTQ
#
_cell.length_a   78.776
_cell.length_b   191.660
_cell.length_c   150.919
_cell.angle_alpha   90.00
_cell.angle_beta   90.00
_cell.angle_gamma   90.00
#
_symmetry.space_group_name_H-M   'C 2 2 21'
#
loop_
_entity.id
_entity.type
_entity.pdbx_description
1 polymer 'Antigen-presenting glycoprotein CD1d1'
2 polymer Beta-2-microglobulin
3 polymer 'Valpha14 (mouse variable domain, human constant domain)'
4 polymer 'V beta8.2 (mouse variable domain, human constant domain)'
5 branched 2-acetamido-2-deoxy-beta-D-glucopyranose-(1-4)-2-acetamido-2-deoxy-beta-D-glucopyranose
6 branched beta-D-mannopyranose-(1-4)-2-acetamido-2-deoxy-beta-D-glucopyranose-(1-4)-[beta-L-fucopyranose-(1-6)]2-acetamido-2-deoxy-beta-D-glucopyranose
7 non-polymer 2-acetamido-2-deoxy-beta-D-glucopyranose
8 non-polymer N-[(2S,3S,4R)-3,4-dihydroxy-1-{[(1S,2S,3R,4R,5S)-2,3,4,5-tetrahydroxycyclohexyl]amino}octadecan-2-yl]hexacosanamide
9 water water
#
loop_
_entity_poly.entity_id
_entity_poly.type
_entity_poly.pdbx_seq_one_letter_code
_entity_poly.pdbx_strand_id
1 'polypeptide(L)'
;SEAQQKNYTFRCLQMSSFANRSWSRTDSVVWLGDLQTHRWSNDSATISFTKPWSQGKLSNQQWEKLQHMFQVYRVSFTRD
IQELVKMMSPKEDYPIEIQLSAGCEMYPGNASESFLHVAFQGKYVVRFWGTSWQTVPGAPSWLDLPIKVLNADQGTSATV
QMLLNDTCPLFVRGLLEAGKSDLEKQEKPVAWLSSVPSSADGHRQLVCHVSGFYPKPVWVMWMRGDQEQQGTHRGDFLPN
ADETWYLQATLDVEAGEEAGLACRVKHSSLGGQDIILYWHHHHHH
;
A
2 'polypeptide(L)'
;IQKTPQIQVYSRHPPENGKPNILNCYVTQFHPPHIEIQMLKNGKKIPKVEMSDMSFSKDWSFYILAHTEFTPTETDTYAC
RVKHASMAEPKTVYWDRDM
;
B
3 'polypeptide(L)'
;MKTQVEQSPQSLVVRQGENCVLQCNYSVTPDNHLRWFKQDTGKGLVSLTVLVDQKDKTSNGRYSATLDKDAKHSTLHITA
TLLDDTATYICVVGDRGSALGRLHFGAGTQLIVIPDIQNPDPAVYQLRDSKSSDKSVCLFTDFDSQTNVSQSKDSDVYIT
DKCVLDMRSMDFKSNSAVAWSNKSDFACANAFNNSIIPEDTFFPSPESS
;
C
4 'polypeptide(L)'
;MEAAVTQSPRNKVAVTGGKVTLSCNQTNNHNNMYWYRQDTGHGLRLIHYSYGAGSTEKGDIPDGYKASRPSQENFSLILE
LATPSQTSVYFCASGDEGYTQYFGPGTRLLVLEDLRNVTPPKVSLFEPSKAEISHTQKATLVCLATGFYPDHVELSWWVN
GKEVHSGVCTDPQPLKEQPALNDSRYSLSSRLRVSATFWQNPRNHFRCQVQFYGLSENDEWTQDRAKPVTQIVSAEAWGR
A
;
D
#
# COMPACT_ATOMS: atom_id res chain seq x y z
N ASN A 7 -10.72 40.96 7.59
CA ASN A 7 -9.32 40.64 7.20
C ASN A 7 -8.68 39.63 8.17
N TYR A 8 -9.07 38.35 8.01
CA TYR A 8 -8.67 37.29 8.93
C TYR A 8 -7.82 36.20 8.26
N THR A 9 -6.99 35.54 9.05
CA THR A 9 -6.16 34.43 8.57
C THR A 9 -6.60 33.10 9.18
N PHE A 10 -6.93 32.15 8.32
CA PHE A 10 -7.37 30.83 8.73
C PHE A 10 -6.18 29.86 8.70
N ARG A 11 -5.89 29.25 9.84
CA ARG A 11 -4.72 28.38 9.96
C ARG A 11 -5.07 26.99 10.49
N CYS A 12 -4.69 25.97 9.73
CA CYS A 12 -4.75 24.58 10.18
C CYS A 12 -3.33 24.15 10.50
N LEU A 13 -3.05 24.00 11.80
CA LEU A 13 -1.70 23.68 12.22
C LEU A 13 -1.59 22.22 12.65
N GLN A 14 -0.88 21.45 11.85
CA GLN A 14 -0.66 20.03 12.11
C GLN A 14 0.77 19.80 12.58
N MET A 15 0.92 19.06 13.68
CA MET A 15 2.23 18.69 14.18
C MET A 15 2.34 17.19 14.35
N SER A 16 3.33 16.60 13.68
CA SER A 16 3.54 15.16 13.70
C SER A 16 4.94 14.80 14.18
N SER A 17 5.00 13.91 15.15
CA SER A 17 6.26 13.43 15.71
C SER A 17 6.45 11.95 15.42
N PHE A 18 7.64 11.60 14.94
CA PHE A 18 8.00 10.21 14.67
C PHE A 18 9.27 9.86 15.43
N ALA A 19 9.13 9.26 16.61
CA ALA A 19 10.26 8.93 17.48
C ALA A 19 11.10 7.78 16.94
N ASN A 20 10.44 6.80 16.34
CA ASN A 20 11.10 5.64 15.74
C ASN A 20 10.23 5.02 14.65
N ARG A 21 10.62 3.82 14.19
CA ARG A 21 9.93 3.09 13.13
C ARG A 21 8.46 2.80 13.46
N SER A 22 8.16 2.60 14.74
CA SER A 22 6.82 2.22 15.17
C SER A 22 6.01 3.38 15.74
N TRP A 23 6.54 4.03 16.78
CA TRP A 23 5.86 5.08 17.53
C TRP A 23 5.66 6.36 16.72
N SER A 24 4.43 6.87 16.70
CA SER A 24 4.07 8.04 15.91
C SER A 24 2.87 8.78 16.50
N ARG A 25 2.87 10.10 16.39
CA ARG A 25 1.81 10.93 16.94
C ARG A 25 1.51 12.14 16.04
N THR A 26 0.22 12.42 15.84
CA THR A 26 -0.22 13.57 15.05
C THR A 26 -1.34 14.33 15.77
N ASP A 27 -1.10 15.61 16.03
CA ASP A 27 -2.07 16.48 16.70
C ASP A 27 -2.30 17.75 15.88
N SER A 28 -3.54 18.23 15.86
CA SER A 28 -3.88 19.44 15.10
C SER A 28 -4.72 20.46 15.86
N VAL A 29 -4.50 21.72 15.54
CA VAL A 29 -5.29 22.83 16.05
C VAL A 29 -5.65 23.79 14.91
N VAL A 30 -6.83 24.38 14.98
CA VAL A 30 -7.31 25.28 13.93
C VAL A 30 -7.60 26.67 14.50
N TRP A 31 -7.03 27.69 13.87
CA TRP A 31 -7.16 29.08 14.32
C TRP A 31 -7.78 29.96 13.24
N LEU A 32 -8.73 30.80 13.65
CA LEU A 32 -9.24 31.88 12.81
C LEU A 32 -8.84 33.19 13.46
N GLY A 33 -7.78 33.81 12.94
CA GLY A 33 -7.16 34.96 13.60
C GLY A 33 -6.38 34.46 14.80
N ASP A 34 -6.81 34.88 15.99
CA ASP A 34 -6.19 34.44 17.24
C ASP A 34 -7.14 33.64 18.14
N LEU A 35 -8.24 33.15 17.55
CA LEU A 35 -9.20 32.31 18.27
C LEU A 35 -9.21 30.89 17.74
N GLN A 36 -9.15 29.93 18.65
CA GLN A 36 -9.18 28.51 18.28
C GLN A 36 -10.59 28.07 17.93
N THR A 37 -10.74 27.45 16.76
CA THR A 37 -12.05 26.97 16.29
C THR A 37 -12.18 25.45 16.39
N HIS A 38 -11.13 24.73 16.03
CA HIS A 38 -11.14 23.27 16.09
C HIS A 38 -9.95 22.71 16.86
N ARG A 39 -10.03 21.41 17.16
CA ARG A 39 -9.01 20.70 17.90
C ARG A 39 -9.07 19.23 17.49
N TRP A 40 -7.92 18.63 17.21
CA TRP A 40 -7.86 17.22 16.87
C TRP A 40 -6.67 16.51 17.51
N SER A 41 -6.91 15.98 18.70
CA SER A 41 -5.92 15.21 19.42
C SER A 41 -5.72 13.85 18.74
N ASN A 42 -4.52 13.29 18.86
CA ASN A 42 -4.22 11.97 18.31
C ASN A 42 -5.13 10.88 18.89
N ASP A 43 -5.55 11.07 20.14
CA ASP A 43 -6.41 10.11 20.84
C ASP A 43 -7.83 10.10 20.30
N SER A 44 -8.24 11.21 19.69
CA SER A 44 -9.60 11.37 19.17
C SER A 44 -9.72 10.89 17.74
N ALA A 45 -10.79 10.14 17.45
CA ALA A 45 -11.09 9.68 16.10
C ALA A 45 -11.76 10.80 15.30
N THR A 46 -12.38 11.74 16.00
CA THR A 46 -13.13 12.82 15.39
C THR A 46 -12.51 14.18 15.70
N ILE A 47 -12.82 15.18 14.87
CA ILE A 47 -12.40 16.55 15.10
C ILE A 47 -13.35 17.22 16.08
N SER A 48 -12.81 17.88 17.08
CA SER A 48 -13.61 18.54 18.10
C SER A 48 -13.80 20.03 17.81
N PHE A 49 -15.00 20.52 18.08
CA PHE A 49 -15.28 21.95 18.01
C PHE A 49 -14.88 22.60 19.33
N THR A 50 -14.17 23.72 19.24
CA THR A 50 -13.83 24.50 20.44
C THR A 50 -14.72 25.75 20.54
N LYS A 51 -15.44 26.04 19.46
CA LYS A 51 -16.45 27.08 19.43
C LYS A 51 -17.79 26.47 19.01
N PRO A 52 -18.92 27.08 19.43
CA PRO A 52 -20.22 26.55 19.03
C PRO A 52 -20.43 26.61 17.51
N TRP A 53 -19.79 27.58 16.86
CA TRP A 53 -19.99 27.86 15.44
C TRP A 53 -18.88 27.32 14.54
N SER A 54 -18.09 26.40 15.07
CA SER A 54 -16.92 25.85 14.34
C SER A 54 -17.28 25.08 13.07
N GLN A 55 -18.53 24.61 12.98
CA GLN A 55 -19.00 23.91 11.79
C GLN A 55 -19.28 24.87 10.62
N GLY A 56 -19.31 26.17 10.92
CA GLY A 56 -19.54 27.21 9.90
C GLY A 56 -20.93 27.12 9.31
N LYS A 57 -21.02 27.37 8.00
CA LYS A 57 -22.28 27.26 7.27
C LYS A 57 -22.39 25.93 6.52
N LEU A 58 -21.60 24.96 6.95
CA LEU A 58 -21.62 23.62 6.38
C LEU A 58 -22.72 22.76 7.02
N SER A 59 -23.42 22.00 6.18
CA SER A 59 -24.42 21.05 6.68
C SER A 59 -23.73 19.87 7.34
N ASN A 60 -24.49 19.10 8.12
CA ASN A 60 -23.95 17.91 8.79
C ASN A 60 -23.37 16.89 7.80
N GLN A 61 -24.07 16.70 6.68
CA GLN A 61 -23.61 15.81 5.62
C GLN A 61 -22.30 16.31 5.00
N GLN A 62 -22.17 17.63 4.86
CA GLN A 62 -20.96 18.24 4.32
C GLN A 62 -19.77 18.12 5.27
N TRP A 63 -20.03 18.26 6.57
CA TRP A 63 -18.99 18.13 7.58
C TRP A 63 -18.52 16.69 7.74
N GLU A 64 -19.46 15.75 7.79
CA GLU A 64 -19.15 14.33 7.92
C GLU A 64 -18.23 13.86 6.78
N LYS A 65 -18.56 14.27 5.56
CA LYS A 65 -17.78 13.95 4.37
C LYS A 65 -16.38 14.59 4.43
N LEU A 66 -16.32 15.80 5.00
CA LEU A 66 -15.06 16.52 5.13
C LEU A 66 -14.17 15.96 6.23
N GLN A 67 -14.78 15.62 7.37
CA GLN A 67 -14.05 15.01 8.49
C GLN A 67 -13.48 13.66 8.09
N HIS A 68 -14.28 12.87 7.38
CA HIS A 68 -13.88 11.54 6.91
C HIS A 68 -12.64 11.61 6.02
N MET A 69 -12.56 12.65 5.19
CA MET A 69 -11.41 12.88 4.32
C MET A 69 -10.14 13.04 5.14
N PHE A 70 -10.22 13.85 6.20
CA PHE A 70 -9.11 14.07 7.12
C PHE A 70 -8.82 12.82 7.94
N GLN A 71 -9.87 12.09 8.33
CA GLN A 71 -9.73 10.84 9.06
C GLN A 71 -8.86 9.85 8.28
N VAL A 72 -9.12 9.77 6.97
CA VAL A 72 -8.34 8.94 6.06
C VAL A 72 -6.92 9.50 5.90
N TYR A 73 -6.82 10.83 5.82
CA TYR A 73 -5.55 11.51 5.65
C TYR A 73 -4.54 11.22 6.77
N ARG A 74 -4.97 11.35 8.02
CA ARG A 74 -4.10 11.14 9.18
C ARG A 74 -3.46 9.75 9.19
N VAL A 75 -4.28 8.74 8.93
CA VAL A 75 -3.82 7.35 8.85
C VAL A 75 -2.86 7.17 7.65
N SER A 76 -3.22 7.80 6.53
CA SER A 76 -2.43 7.70 5.31
C SER A 76 -1.10 8.44 5.42
N PHE A 77 -1.16 9.68 5.89
CA PHE A 77 0.03 10.51 6.10
C PHE A 77 1.06 9.82 6.99
N THR A 78 0.57 9.20 8.07
CA THR A 78 1.41 8.50 9.03
C THR A 78 2.20 7.37 8.37
N ARG A 79 1.50 6.52 7.62
CA ARG A 79 2.13 5.40 6.93
C ARG A 79 2.99 5.87 5.76
N ASP A 80 2.60 6.97 5.13
CA ASP A 80 3.36 7.55 4.02
C ASP A 80 4.76 8.00 4.45
N ILE A 81 4.82 8.81 5.51
CA ILE A 81 6.09 9.29 6.05
C ILE A 81 7.02 8.13 6.38
N GLN A 82 6.48 7.14 7.11
CA GLN A 82 7.22 5.95 7.51
C GLN A 82 7.87 5.26 6.30
N GLU A 83 7.15 5.23 5.18
CA GLU A 83 7.64 4.65 3.94
C GLU A 83 8.67 5.54 3.26
N LEU A 84 8.49 6.85 3.38
CA LEU A 84 9.44 7.81 2.81
C LEU A 84 10.78 7.80 3.54
N VAL A 85 10.74 7.55 4.85
CA VAL A 85 11.95 7.38 5.66
C VAL A 85 12.72 6.14 5.18
N LYS A 86 11.98 5.06 4.94
CA LYS A 86 12.54 3.82 4.39
C LYS A 86 13.18 4.06 3.02
N MET A 87 12.57 4.95 2.25
CA MET A 87 12.99 5.25 0.88
C MET A 87 14.29 6.05 0.83
N MET A 88 14.54 6.85 1.88
CA MET A 88 15.71 7.72 1.92
C MET A 88 16.86 7.16 2.75
N SER A 89 16.57 6.15 3.57
CA SER A 89 17.56 5.52 4.44
C SER A 89 18.85 5.17 3.68
N PRO A 90 20.02 5.44 4.29
CA PRO A 90 20.18 6.03 5.62
C PRO A 90 20.43 7.55 5.61
N LYS A 91 19.91 8.23 4.60
CA LYS A 91 20.06 9.69 4.48
C LYS A 91 19.35 10.41 5.62
N GLU A 92 18.11 9.99 5.90
CA GLU A 92 17.33 10.56 7.00
C GLU A 92 16.88 9.47 7.97
N ASP A 93 16.70 9.87 9.23
CA ASP A 93 16.40 8.92 10.29
C ASP A 93 15.58 9.57 11.41
N TYR A 94 14.96 8.74 12.23
CA TYR A 94 14.18 9.18 13.39
C TYR A 94 15.12 9.68 14.51
N PRO A 95 14.64 10.60 15.37
CA PRO A 95 13.31 11.21 15.40
C PRO A 95 13.06 12.19 14.25
N ILE A 96 11.81 12.28 13.81
CA ILE A 96 11.40 13.20 12.76
C ILE A 96 10.20 14.04 13.17
N GLU A 97 10.32 15.35 13.01
CA GLU A 97 9.23 16.27 13.30
C GLU A 97 8.71 16.89 12.00
N ILE A 98 7.43 16.71 11.74
CA ILE A 98 6.81 17.30 10.55
C ILE A 98 5.64 18.19 10.95
N GLN A 99 5.68 19.43 10.47
CA GLN A 99 4.62 20.40 10.73
C GLN A 99 3.97 20.84 9.42
N LEU A 100 2.65 21.01 9.45
CA LEU A 100 1.92 21.55 8.31
C LEU A 100 1.14 22.80 8.71
N SER A 101 1.26 23.83 7.89
CA SER A 101 0.47 25.05 8.07
C SER A 101 -0.38 25.29 6.82
N ALA A 102 -1.64 24.93 6.92
CA ALA A 102 -2.57 25.05 5.79
C ALA A 102 -3.71 26.01 6.12
N GLY A 103 -4.29 26.59 5.08
CA GLY A 103 -5.42 27.49 5.24
C GLY A 103 -5.43 28.58 4.20
N CYS A 104 -6.20 29.63 4.47
CA CYS A 104 -6.38 30.72 3.52
C CYS A 104 -6.53 32.07 4.23
N GLU A 105 -5.96 33.11 3.62
CA GLU A 105 -6.09 34.48 4.13
C GLU A 105 -7.26 35.17 3.43
N MET A 106 -8.16 35.75 4.22
CA MET A 106 -9.38 36.38 3.68
C MET A 106 -9.22 37.87 3.46
N TYR A 107 -9.78 38.34 2.35
CA TYR A 107 -9.70 39.76 1.97
C TYR A 107 -11.10 40.31 1.67
N PRO A 108 -11.24 41.65 1.58
CA PRO A 108 -12.53 42.27 1.26
C PRO A 108 -13.17 41.72 -0.02
N GLY A 109 -14.48 41.53 0.03
CA GLY A 109 -15.24 40.98 -1.11
C GLY A 109 -15.06 39.48 -1.26
N ASN A 110 -14.93 39.03 -2.50
CA ASN A 110 -14.76 37.61 -2.81
C ASN A 110 -13.31 37.23 -3.12
N ALA A 111 -12.36 37.93 -2.49
CA ALA A 111 -10.94 37.70 -2.71
C ALA A 111 -10.29 36.96 -1.54
N SER A 112 -9.41 36.01 -1.88
CA SER A 112 -8.64 35.26 -0.89
C SER A 112 -7.36 34.67 -1.51
N GLU A 113 -6.48 34.17 -0.65
CA GLU A 113 -5.28 33.46 -1.08
C GLU A 113 -5.00 32.29 -0.15
N SER A 114 -4.86 31.11 -0.72
CA SER A 114 -4.66 29.88 0.06
C SER A 114 -3.20 29.47 0.11
N PHE A 115 -2.83 28.76 1.18
CA PHE A 115 -1.47 28.30 1.38
C PHE A 115 -1.44 26.91 2.01
N LEU A 116 -0.40 26.15 1.71
CA LEU A 116 -0.13 24.87 2.37
C LEU A 116 1.39 24.70 2.48
N HIS A 117 1.89 24.95 3.69
CA HIS A 117 3.33 24.97 3.94
C HIS A 117 3.74 23.79 4.82
N VAL A 118 4.83 23.13 4.44
CA VAL A 118 5.31 21.95 5.18
C VAL A 118 6.71 22.21 5.74
N ALA A 119 6.88 21.88 7.02
CA ALA A 119 8.17 22.00 7.69
C ALA A 119 8.72 20.64 8.12
N PHE A 120 10.02 20.46 7.93
CA PHE A 120 10.70 19.22 8.27
C PHE A 120 11.82 19.53 9.25
N GLN A 121 11.74 18.94 10.44
CA GLN A 121 12.69 19.18 11.54
C GLN A 121 12.78 20.66 11.93
N GLY A 122 11.65 21.36 11.85
CA GLY A 122 11.57 22.77 12.25
C GLY A 122 11.96 23.76 11.18
N LYS A 123 12.16 23.28 9.96
CA LYS A 123 12.57 24.14 8.84
C LYS A 123 11.63 23.97 7.66
N TYR A 124 11.13 25.10 7.16
CA TYR A 124 10.20 25.16 6.02
C TYR A 124 10.89 24.71 4.74
N VAL A 125 10.36 23.67 4.10
CA VAL A 125 11.00 23.05 2.94
C VAL A 125 10.07 22.77 1.75
N VAL A 126 8.81 22.47 2.03
CA VAL A 126 7.86 22.02 1.00
C VAL A 126 6.57 22.83 1.03
N ARG A 127 6.04 23.13 -0.16
CA ARG A 127 4.73 23.76 -0.29
C ARG A 127 3.94 23.13 -1.43
N PHE A 128 2.62 23.22 -1.34
CA PHE A 128 1.75 22.91 -2.48
C PHE A 128 1.46 24.21 -3.21
N TRP A 129 1.89 24.28 -4.47
CA TRP A 129 1.70 25.48 -5.28
C TRP A 129 1.17 25.11 -6.65
N GLY A 130 0.06 25.72 -7.03
CA GLY A 130 -0.59 25.47 -8.30
C GLY A 130 -1.25 24.11 -8.35
N THR A 131 -0.56 23.15 -8.94
CA THR A 131 -1.10 21.79 -9.15
C THR A 131 -0.20 20.69 -8.62
N SER A 132 0.90 21.07 -7.97
CA SER A 132 1.88 20.09 -7.51
C SER A 132 2.59 20.50 -6.22
N TRP A 133 3.26 19.53 -5.59
CA TRP A 133 4.15 19.79 -4.48
C TRP A 133 5.50 20.26 -5.02
N GLN A 134 6.09 21.25 -4.35
CA GLN A 134 7.42 21.74 -4.73
C GLN A 134 8.25 22.17 -3.51
N THR A 135 9.56 22.07 -3.65
CA THR A 135 10.47 22.52 -2.61
C THR A 135 10.72 24.02 -2.72
N VAL A 136 10.91 24.66 -1.58
CA VAL A 136 11.19 26.10 -1.54
C VAL A 136 12.71 26.34 -1.52
N PRO A 137 13.16 27.59 -1.75
CA PRO A 137 14.61 27.86 -1.71
C PRO A 137 15.22 27.52 -0.35
N GLY A 138 16.36 26.84 -0.37
CA GLY A 138 17.05 26.44 0.85
C GLY A 138 16.85 24.98 1.23
N ALA A 139 15.86 24.34 0.61
CA ALA A 139 15.53 22.93 0.88
C ALA A 139 16.63 21.99 0.38
N PRO A 140 16.84 20.87 1.09
CA PRO A 140 17.85 19.90 0.67
C PRO A 140 17.44 19.14 -0.59
N SER A 141 18.42 18.73 -1.39
CA SER A 141 18.16 18.11 -2.68
C SER A 141 17.52 16.73 -2.61
N TRP A 142 17.78 16.00 -1.52
CA TRP A 142 17.26 14.63 -1.35
C TRP A 142 15.73 14.60 -1.39
N LEU A 143 15.10 15.73 -1.05
CA LEU A 143 13.65 15.86 -1.03
C LEU A 143 13.00 15.79 -2.41
N ASP A 144 13.80 15.86 -3.47
CA ASP A 144 13.30 15.80 -4.84
C ASP A 144 12.60 14.47 -5.16
N LEU A 145 13.04 13.39 -4.52
CA LEU A 145 12.42 12.08 -4.72
C LEU A 145 11.05 11.94 -4.01
N PRO A 146 10.96 12.33 -2.72
CA PRO A 146 9.64 12.40 -2.10
C PRO A 146 8.67 13.29 -2.88
N ILE A 147 9.15 14.45 -3.33
CA ILE A 147 8.35 15.38 -4.15
C ILE A 147 7.89 14.70 -5.45
N LYS A 148 8.80 13.95 -6.08
CA LYS A 148 8.50 13.19 -7.28
C LYS A 148 7.44 12.12 -7.00
N VAL A 149 7.50 11.52 -5.82
CA VAL A 149 6.58 10.44 -5.44
C VAL A 149 5.20 10.97 -5.07
N LEU A 150 5.16 12.09 -4.36
CA LEU A 150 3.91 12.74 -3.97
C LEU A 150 3.16 13.28 -5.18
N ASN A 151 3.91 13.83 -6.14
CA ASN A 151 3.33 14.39 -7.37
C ASN A 151 2.79 13.32 -8.31
N ALA A 152 3.23 12.07 -8.13
CA ALA A 152 2.72 10.94 -8.89
C ALA A 152 1.25 10.66 -8.55
N ASP A 153 0.87 10.97 -7.31
CA ASP A 153 -0.48 10.74 -6.82
C ASP A 153 -1.44 11.82 -7.34
N GLN A 154 -2.08 11.53 -8.48
CA GLN A 154 -2.99 12.48 -9.13
C GLN A 154 -4.25 12.74 -8.31
N GLY A 155 -4.77 11.70 -7.66
CA GLY A 155 -5.96 11.80 -6.81
C GLY A 155 -5.80 12.74 -5.63
N THR A 156 -4.63 12.69 -4.99
CA THR A 156 -4.29 13.61 -3.90
C THR A 156 -4.20 15.03 -4.43
N SER A 157 -3.49 15.20 -5.55
CA SER A 157 -3.31 16.50 -6.19
C SER A 157 -4.65 17.21 -6.44
N ALA A 158 -5.59 16.50 -7.07
CA ALA A 158 -6.92 17.03 -7.36
C ALA A 158 -7.68 17.42 -6.09
N THR A 159 -7.53 16.61 -5.04
CA THR A 159 -8.19 16.84 -3.75
C THR A 159 -7.63 18.09 -3.06
N VAL A 160 -6.30 18.15 -2.96
CA VAL A 160 -5.62 19.29 -2.34
C VAL A 160 -5.97 20.60 -3.05
N GLN A 161 -5.96 20.57 -4.39
CA GLN A 161 -6.37 21.71 -5.20
C GLN A 161 -7.78 22.18 -4.85
N MET A 162 -8.70 21.22 -4.65
CA MET A 162 -10.08 21.52 -4.30
C MET A 162 -10.19 22.10 -2.87
N LEU A 163 -9.37 21.59 -1.96
CA LEU A 163 -9.34 22.08 -0.58
C LEU A 163 -8.82 23.52 -0.50
N LEU A 164 -7.81 23.83 -1.31
CA LEU A 164 -7.20 25.16 -1.29
C LEU A 164 -7.99 26.18 -2.09
N ASN A 165 -8.32 25.86 -3.35
CA ASN A 165 -9.02 26.78 -4.23
C ASN A 165 -10.48 27.02 -3.86
N ASP A 166 -11.17 25.96 -3.45
CA ASP A 166 -12.62 26.02 -3.29
C ASP A 166 -13.11 25.92 -1.84
N THR A 167 -12.67 24.87 -1.14
CA THR A 167 -13.18 24.55 0.20
C THR A 167 -12.83 25.60 1.25
N CYS A 168 -11.54 25.92 1.36
CA CYS A 168 -11.06 26.89 2.36
C CYS A 168 -11.79 28.23 2.29
N PRO A 169 -11.76 28.91 1.11
CA PRO A 169 -12.43 30.20 1.02
C PRO A 169 -13.92 30.13 1.40
N LEU A 170 -14.62 29.12 0.90
CA LEU A 170 -16.04 28.95 1.16
C LEU A 170 -16.34 28.67 2.64
N PHE A 171 -15.53 27.81 3.25
CA PHE A 171 -15.72 27.42 4.65
C PHE A 171 -15.51 28.58 5.61
N VAL A 172 -14.44 29.34 5.40
CA VAL A 172 -14.10 30.47 6.26
C VAL A 172 -15.06 31.64 6.06
N ARG A 173 -15.50 31.84 4.82
CA ARG A 173 -16.46 32.89 4.49
C ARG A 173 -17.77 32.67 5.24
N GLY A 174 -18.14 31.40 5.42
CA GLY A 174 -19.31 31.04 6.21
C GLY A 174 -19.01 30.98 7.69
N LEU A 175 -17.75 30.78 8.03
CA LEU A 175 -17.31 30.72 9.43
C LEU A 175 -17.32 32.10 10.07
N LEU A 176 -17.07 33.13 9.27
CA LEU A 176 -17.08 34.52 9.74
C LEU A 176 -18.49 35.02 10.03
N GLU A 177 -19.47 34.45 9.33
CA GLU A 177 -20.87 34.77 9.55
C GLU A 177 -21.35 34.23 10.89
N ALA A 178 -21.09 32.94 11.11
CA ALA A 178 -21.54 32.25 12.33
C ALA A 178 -20.74 32.68 13.56
N GLY A 179 -19.52 33.14 13.34
CA GLY A 179 -18.64 33.55 14.43
C GLY A 179 -18.50 35.05 14.63
N LYS A 180 -19.33 35.83 13.95
CA LYS A 180 -19.30 37.29 14.01
C LYS A 180 -19.34 37.83 15.44
N SER A 181 -20.17 37.19 16.28
CA SER A 181 -20.36 37.60 17.67
C SER A 181 -19.08 37.50 18.50
N ASP A 182 -18.40 36.36 18.41
CA ASP A 182 -17.16 36.12 19.17
C ASP A 182 -15.98 36.91 18.61
N LEU A 183 -15.90 37.01 17.28
CA LEU A 183 -14.78 37.69 16.62
C LEU A 183 -14.78 39.20 16.86
N GLU A 184 -15.97 39.77 17.04
CA GLU A 184 -16.12 41.21 17.24
C GLU A 184 -16.37 41.60 18.70
N LYS A 185 -16.07 40.68 19.62
CA LYS A 185 -16.27 40.92 21.05
C LYS A 185 -15.30 41.97 21.59
N GLN A 186 -15.74 42.69 22.62
CA GLN A 186 -14.92 43.72 23.25
C GLN A 186 -14.77 43.48 24.76
N GLU A 187 -13.62 42.97 25.17
CA GLU A 187 -13.32 42.73 26.58
C GLU A 187 -12.41 43.84 27.12
N LYS A 188 -12.81 44.41 28.25
CA LYS A 188 -12.10 45.56 28.83
C LYS A 188 -10.80 45.17 29.54
N PRO A 189 -9.72 45.93 29.27
CA PRO A 189 -8.44 45.72 29.97
C PRO A 189 -8.48 46.25 31.40
N VAL A 190 -7.72 45.61 32.28
CA VAL A 190 -7.53 46.07 33.65
C VAL A 190 -6.04 46.23 33.90
N ALA A 191 -5.65 47.36 34.47
CA ALA A 191 -4.24 47.68 34.68
C ALA A 191 -3.83 47.71 36.14
N TRP A 192 -2.56 47.40 36.39
CA TRP A 192 -1.95 47.55 37.72
C TRP A 192 -0.45 47.80 37.63
N LEU A 193 0.10 48.48 38.64
CA LEU A 193 1.51 48.89 38.62
C LEU A 193 2.34 48.18 39.68
N SER A 194 3.63 48.03 39.38
CA SER A 194 4.61 47.42 40.30
C SER A 194 6.02 47.91 39.97
N SER A 195 6.94 47.76 40.93
CA SER A 195 8.32 48.21 40.75
C SER A 195 9.34 47.15 41.17
N VAL A 196 10.28 46.87 40.28
CA VAL A 196 11.33 45.89 40.53
C VAL A 196 12.72 46.56 40.57
N PRO A 197 13.51 46.30 41.63
CA PRO A 197 14.85 46.88 41.77
C PRO A 197 15.84 46.36 40.73
N SER A 198 16.84 47.19 40.40
CA SER A 198 17.87 46.84 39.43
C SER A 198 19.18 47.55 39.74
N ARG A 204 15.63 51.38 39.67
CA ARG A 204 14.32 50.76 39.78
C ARG A 204 13.57 50.78 38.45
N GLN A 205 12.81 49.71 38.19
CA GLN A 205 12.05 49.59 36.95
C GLN A 205 10.55 49.50 37.20
N LEU A 206 9.81 50.49 36.70
CA LEU A 206 8.36 50.53 36.83
C LEU A 206 7.68 49.71 35.74
N VAL A 207 6.74 48.88 36.14
CA VAL A 207 6.04 47.98 35.22
C VAL A 207 4.54 48.25 35.21
N CYS A 208 3.99 48.47 34.02
CA CYS A 208 2.55 48.64 33.87
C CYS A 208 1.93 47.39 33.24
N HIS A 209 1.22 46.63 34.08
CA HIS A 209 0.58 45.40 33.65
C HIS A 209 -0.81 45.70 33.09
N VAL A 210 -1.09 45.17 31.89
CA VAL A 210 -2.41 45.32 31.26
C VAL A 210 -2.92 43.94 30.88
N SER A 211 -4.08 43.57 31.41
CA SER A 211 -4.59 42.21 31.25
C SER A 211 -6.09 42.13 30.99
N GLY A 212 -6.49 41.21 30.11
CA GLY A 212 -7.89 40.89 29.88
C GLY A 212 -8.57 41.62 28.73
N PHE A 213 -7.79 42.11 27.77
CA PHE A 213 -8.34 42.87 26.65
C PHE A 213 -8.48 42.07 25.36
N TYR A 214 -9.53 42.38 24.60
CA TYR A 214 -9.74 41.82 23.27
C TYR A 214 -10.50 42.83 22.40
N PRO A 215 -10.06 43.02 21.14
CA PRO A 215 -8.98 42.32 20.42
C PRO A 215 -7.56 42.77 20.80
N LYS A 216 -6.58 42.19 20.10
CA LYS A 216 -5.15 42.36 20.38
C LYS A 216 -4.62 43.81 20.29
N PRO A 217 -5.07 44.60 19.28
CA PRO A 217 -4.58 45.99 19.18
C PRO A 217 -4.80 46.83 20.45
N VAL A 218 -3.69 47.28 21.05
CA VAL A 218 -3.73 48.07 22.29
C VAL A 218 -2.59 49.09 22.32
N TRP A 219 -2.79 50.18 23.06
CA TRP A 219 -1.80 51.24 23.19
C TRP A 219 -1.46 51.46 24.66
N VAL A 220 -0.20 51.21 25.02
CA VAL A 220 0.26 51.36 26.41
C VAL A 220 1.52 52.21 26.44
N MET A 221 1.51 53.26 27.27
CA MET A 221 2.64 54.18 27.36
C MET A 221 2.76 54.83 28.73
N TRP A 222 3.99 54.90 29.25
CA TRP A 222 4.28 55.63 30.48
C TRP A 222 4.38 57.12 30.19
N MET A 223 3.75 57.93 31.04
CA MET A 223 3.68 59.37 30.82
C MET A 223 3.75 60.19 32.11
N ARG A 224 4.42 61.33 32.02
CA ARG A 224 4.33 62.37 33.05
C ARG A 224 3.48 63.51 32.50
N GLY A 225 2.20 63.52 32.88
CA GLY A 225 1.24 64.49 32.39
C GLY A 225 0.89 64.25 30.94
N ASP A 226 1.22 65.22 30.08
CA ASP A 226 0.96 65.13 28.65
C ASP A 226 2.20 64.71 27.86
N GLN A 227 3.28 64.39 28.57
CA GLN A 227 4.56 64.05 27.95
C GLN A 227 4.77 62.54 27.88
N GLU A 228 4.92 62.02 26.67
CA GLU A 228 5.22 60.60 26.46
C GLU A 228 6.68 60.31 26.78
N GLN A 229 6.92 59.23 27.52
CA GLN A 229 8.29 58.83 27.87
C GLN A 229 8.88 57.92 26.80
N GLN A 230 10.00 58.35 26.22
CA GLN A 230 10.64 57.64 25.12
C GLN A 230 11.22 56.28 25.50
N GLY A 231 11.67 56.16 26.75
CA GLY A 231 12.30 54.93 27.24
C GLY A 231 11.35 53.76 27.50
N THR A 232 10.08 53.94 27.16
CA THR A 232 9.07 52.90 27.34
C THR A 232 9.34 51.70 26.44
N HIS A 233 9.44 50.53 27.05
CA HIS A 233 9.65 49.28 26.32
C HIS A 233 8.47 48.33 26.51
N ARG A 234 7.72 48.12 25.43
CA ARG A 234 6.63 47.15 25.39
C ARG A 234 7.19 45.73 25.39
N GLY A 235 6.54 44.84 26.14
CA GLY A 235 6.88 43.43 26.10
C GLY A 235 6.17 42.75 24.93
N ASP A 236 6.05 41.44 25.00
CA ASP A 236 5.32 40.67 23.99
C ASP A 236 3.88 40.47 24.44
N PHE A 237 2.98 40.25 23.47
CA PHE A 237 1.61 39.91 23.76
C PHE A 237 1.51 38.49 24.29
N LEU A 238 1.07 38.35 25.53
CA LEU A 238 0.94 37.05 26.18
C LEU A 238 -0.53 36.69 26.34
N PRO A 239 -0.90 35.43 26.04
CA PRO A 239 -2.30 35.04 26.09
C PRO A 239 -2.79 34.61 27.46
N ASN A 240 -4.06 34.87 27.75
CA ASN A 240 -4.72 34.35 28.93
C ASN A 240 -5.52 33.09 28.58
N ALA A 241 -5.97 32.37 29.60
CA ALA A 241 -6.74 31.12 29.40
C ALA A 241 -8.14 31.38 28.85
N ASP A 242 -8.72 32.52 29.23
CA ASP A 242 -10.08 32.90 28.81
C ASP A 242 -10.11 33.62 27.46
N GLU A 243 -9.11 33.33 26.62
CA GLU A 243 -8.96 33.93 25.29
C GLU A 243 -8.96 35.46 25.29
N THR A 244 -8.21 36.03 26.23
CA THR A 244 -7.92 37.47 26.25
C THR A 244 -6.40 37.66 26.26
N TRP A 245 -5.96 38.91 26.16
CA TRP A 245 -4.54 39.21 26.05
C TRP A 245 -3.92 39.91 27.27
N TYR A 246 -2.63 39.68 27.46
CA TYR A 246 -1.85 40.29 28.54
C TYR A 246 -0.61 40.96 27.95
N LEU A 247 -0.31 42.16 28.44
CA LEU A 247 0.87 42.91 28.02
C LEU A 247 1.39 43.81 29.14
N GLN A 248 2.71 43.86 29.28
CA GLN A 248 3.34 44.74 30.25
C GLN A 248 4.39 45.66 29.62
N ALA A 249 4.36 46.93 30.01
CA ALA A 249 5.31 47.93 29.53
C ALA A 249 6.25 48.37 30.65
N THR A 250 7.55 48.28 30.39
CA THR A 250 8.58 48.62 31.39
C THR A 250 9.24 49.96 31.08
N LEU A 251 9.55 50.70 32.15
CA LEU A 251 10.26 51.97 32.04
C LEU A 251 11.38 52.05 33.07
N ASP A 252 12.58 52.36 32.61
CA ASP A 252 13.75 52.45 33.48
C ASP A 252 13.86 53.87 34.06
N VAL A 253 13.86 53.95 35.39
CA VAL A 253 13.92 55.25 36.09
C VAL A 253 14.90 55.24 37.27
N GLU A 254 15.39 56.42 37.64
CA GLU A 254 16.22 56.58 38.82
C GLU A 254 15.36 56.57 40.08
N ALA A 255 15.88 55.96 41.15
CA ALA A 255 15.15 55.83 42.41
C ALA A 255 14.83 57.18 43.04
N GLY A 256 13.54 57.46 43.19
CA GLY A 256 13.08 58.74 43.74
C GLY A 256 12.31 59.58 42.72
N GLU A 257 12.38 59.17 41.46
CA GLU A 257 11.72 59.91 40.37
C GLU A 257 10.39 59.26 39.95
N GLU A 258 9.88 58.37 40.80
CA GLU A 258 8.62 57.67 40.52
C GLU A 258 7.39 58.58 40.54
N ALA A 259 7.41 59.58 41.43
CA ALA A 259 6.29 60.50 41.61
C ALA A 259 6.02 61.34 40.36
N GLY A 260 4.75 61.42 39.99
CA GLY A 260 4.32 62.19 38.81
C GLY A 260 4.10 61.34 37.57
N LEU A 261 4.61 60.11 37.60
CA LEU A 261 4.49 59.20 36.46
C LEU A 261 3.17 58.45 36.47
N ALA A 262 2.58 58.29 35.28
CA ALA A 262 1.30 57.62 35.12
C ALA A 262 1.28 56.74 33.87
N CYS A 263 0.61 55.60 33.96
CA CYS A 263 0.44 54.71 32.82
C CYS A 263 -0.91 54.94 32.17
N ARG A 264 -0.90 55.28 30.88
CA ARG A 264 -2.12 55.48 30.11
C ARG A 264 -2.34 54.34 29.13
N VAL A 265 -3.56 53.80 29.12
CA VAL A 265 -3.91 52.66 28.28
C VAL A 265 -5.07 53.01 27.35
N LYS A 266 -4.86 52.82 26.05
CA LYS A 266 -5.90 53.03 25.04
C LYS A 266 -6.30 51.70 24.40
N HIS A 267 -7.60 51.42 24.40
CA HIS A 267 -8.14 50.20 23.81
C HIS A 267 -9.55 50.45 23.27
N SER A 268 -9.95 49.66 22.27
CA SER A 268 -11.24 49.83 21.58
C SER A 268 -12.46 49.60 22.48
N SER A 269 -12.30 48.82 23.53
CA SER A 269 -13.38 48.47 24.45
C SER A 269 -13.74 49.61 25.40
N LEU A 270 -12.76 50.45 25.72
CA LEU A 270 -12.93 51.53 26.69
C LEU A 270 -13.81 52.66 26.15
N GLY A 271 -13.75 52.88 24.83
CA GLY A 271 -14.56 53.89 24.17
C GLY A 271 -14.26 55.32 24.60
N GLY A 272 -13.03 55.76 24.37
CA GLY A 272 -12.61 57.12 24.70
C GLY A 272 -12.30 57.35 26.17
N GLN A 273 -12.62 56.37 27.02
CA GLN A 273 -12.34 56.45 28.45
C GLN A 273 -11.05 55.71 28.77
N ASP A 274 -9.93 56.34 28.44
CA ASP A 274 -8.60 55.76 28.65
C ASP A 274 -8.30 55.59 30.14
N ILE A 275 -7.72 54.45 30.50
CA ILE A 275 -7.33 54.20 31.87
C ILE A 275 -6.03 54.93 32.18
N ILE A 276 -6.11 55.86 33.12
CA ILE A 276 -4.93 56.58 33.60
C ILE A 276 -4.64 56.12 35.03
N LEU A 277 -3.48 55.50 35.23
CA LEU A 277 -3.11 54.98 36.55
C LEU A 277 -1.89 55.70 37.10
N TYR A 278 -2.11 56.53 38.11
CA TYR A 278 -1.06 57.31 38.74
C TYR A 278 -0.36 56.51 39.85
N TRP A 279 0.93 56.77 40.03
CA TRP A 279 1.70 56.15 41.10
C TRP A 279 1.81 57.08 42.31
N GLN B 2 17.65 21.91 17.77
CA GLN B 2 17.06 22.16 19.12
C GLN B 2 17.03 23.65 19.46
N LYS B 3 15.96 24.08 20.11
CA LYS B 3 15.81 25.45 20.57
C LYS B 3 15.32 25.49 22.02
N THR B 4 16.00 26.27 22.86
CA THR B 4 15.67 26.38 24.28
C THR B 4 14.38 27.19 24.50
N PRO B 5 13.51 26.72 25.43
CA PRO B 5 12.24 27.38 25.69
C PRO B 5 12.35 28.67 26.52
N GLN B 6 11.47 29.62 26.23
CA GLN B 6 11.36 30.86 27.02
C GLN B 6 10.11 30.81 27.89
N ILE B 7 10.30 31.02 29.19
CA ILE B 7 9.21 30.89 30.16
C ILE B 7 8.83 32.23 30.77
N GLN B 8 7.52 32.53 30.75
CA GLN B 8 6.99 33.76 31.33
C GLN B 8 5.84 33.47 32.29
N VAL B 9 5.99 33.89 33.54
CA VAL B 9 4.98 33.65 34.57
C VAL B 9 4.28 34.95 34.95
N TYR B 10 2.95 34.95 34.85
CA TYR B 10 2.13 36.14 35.07
C TYR B 10 0.72 35.77 35.51
N SER B 11 0.05 36.69 36.21
CA SER B 11 -1.30 36.47 36.71
C SER B 11 -2.37 37.09 35.82
N ARG B 12 -3.56 36.50 35.83
CA ARG B 12 -4.69 36.96 35.02
C ARG B 12 -5.28 38.26 35.55
N HIS B 13 -5.46 38.34 36.87
CA HIS B 13 -6.02 39.52 37.52
C HIS B 13 -4.98 40.21 38.41
N PRO B 14 -5.24 41.48 38.81
CA PRO B 14 -4.36 42.15 39.77
C PRO B 14 -4.15 41.31 41.03
N PRO B 15 -2.89 40.99 41.36
CA PRO B 15 -2.59 40.15 42.52
C PRO B 15 -2.72 40.89 43.85
N GLU B 16 -3.46 40.28 44.77
CA GLU B 16 -3.53 40.75 46.16
C GLU B 16 -3.68 39.58 47.12
N ASN B 17 -3.11 39.72 48.31
CA ASN B 17 -3.08 38.65 49.30
C ASN B 17 -4.47 38.19 49.76
N GLY B 18 -4.67 36.87 49.77
CA GLY B 18 -5.92 36.29 50.26
C GLY B 18 -7.04 36.22 49.25
N LYS B 19 -6.82 36.75 48.05
CA LYS B 19 -7.83 36.74 46.99
C LYS B 19 -7.51 35.70 45.91
N PRO B 20 -8.46 34.79 45.63
CA PRO B 20 -8.33 33.79 44.57
C PRO B 20 -8.08 34.42 43.19
N ASN B 21 -7.25 33.75 42.38
CA ASN B 21 -6.80 34.26 41.10
C ASN B 21 -6.36 33.10 40.21
N ILE B 22 -5.92 33.41 38.98
CA ILE B 22 -5.39 32.40 38.06
C ILE B 22 -3.96 32.75 37.67
N LEU B 23 -3.06 31.78 37.78
CA LEU B 23 -1.66 31.96 37.39
C LEU B 23 -1.35 31.29 36.06
N ASN B 24 -0.67 32.01 35.18
CA ASN B 24 -0.33 31.52 33.85
C ASN B 24 1.16 31.25 33.70
N CYS B 25 1.47 30.21 32.92
CA CYS B 25 2.84 29.92 32.52
C CYS B 25 2.91 29.74 31.01
N TYR B 26 3.58 30.67 30.34
CA TYR B 26 3.66 30.68 28.88
C TYR B 26 5.05 30.23 28.43
N VAL B 27 5.10 29.04 27.83
CA VAL B 27 6.34 28.45 27.36
C VAL B 27 6.41 28.56 25.83
N THR B 28 7.47 29.16 25.33
CA THR B 28 7.60 29.48 23.90
C THR B 28 8.97 29.16 23.31
N GLN B 29 9.05 29.24 21.98
CA GLN B 29 10.31 29.19 21.21
C GLN B 29 11.10 27.89 21.35
N PHE B 30 10.40 26.77 21.54
CA PHE B 30 11.07 25.49 21.75
C PHE B 30 10.87 24.47 20.61
N HIS B 31 11.87 23.60 20.46
CA HIS B 31 11.86 22.52 19.47
C HIS B 31 12.85 21.46 19.94
N PRO B 32 12.45 20.17 19.93
CA PRO B 32 11.20 19.55 19.47
C PRO B 32 10.00 19.82 20.40
N PRO B 33 8.78 19.48 19.95
CA PRO B 33 7.55 19.79 20.70
C PRO B 33 7.37 19.08 22.03
N HIS B 34 8.02 17.94 22.22
CA HIS B 34 7.92 17.18 23.48
C HIS B 34 8.41 18.02 24.66
N ILE B 35 7.52 18.23 25.62
CA ILE B 35 7.78 19.10 26.77
C ILE B 35 7.14 18.56 28.05
N GLU B 36 7.73 18.90 29.18
CA GLU B 36 7.15 18.59 30.49
C GLU B 36 7.04 19.87 31.30
N ILE B 37 5.81 20.32 31.55
CA ILE B 37 5.57 21.56 32.27
C ILE B 37 4.88 21.30 33.61
N GLN B 38 5.50 21.80 34.68
CA GLN B 38 4.96 21.69 36.03
C GLN B 38 4.77 23.09 36.61
N MET B 39 3.67 23.27 37.34
CA MET B 39 3.46 24.50 38.09
C MET B 39 3.53 24.18 39.58
N LEU B 40 4.45 24.85 40.27
CA LEU B 40 4.80 24.51 41.64
C LEU B 40 4.33 25.53 42.67
N LYS B 41 3.91 25.03 43.83
CA LYS B 41 3.66 25.86 45.00
C LYS B 41 4.65 25.45 46.09
N ASN B 42 5.50 26.39 46.47
CA ASN B 42 6.57 26.16 47.46
C ASN B 42 7.50 25.00 47.10
N GLY B 43 7.59 24.69 45.80
CA GLY B 43 8.40 23.58 45.32
C GLY B 43 7.62 22.30 45.10
N LYS B 44 6.38 22.27 45.58
CA LYS B 44 5.51 21.10 45.47
C LYS B 44 4.54 21.25 44.29
N LYS B 45 4.33 20.17 43.55
CA LYS B 45 3.51 20.19 42.34
C LYS B 45 2.02 20.38 42.61
N ILE B 46 1.40 21.28 41.85
CA ILE B 46 -0.04 21.51 41.90
C ILE B 46 -0.76 20.49 41.03
N PRO B 47 -1.73 19.75 41.60
CA PRO B 47 -2.39 18.65 40.88
C PRO B 47 -3.35 19.12 39.77
N LYS B 48 -4.10 20.19 40.02
CA LYS B 48 -5.10 20.66 39.06
C LYS B 48 -4.54 21.75 38.13
N VAL B 49 -3.61 21.36 37.27
CA VAL B 49 -3.02 22.29 36.30
C VAL B 49 -3.58 22.02 34.91
N GLU B 50 -4.32 23.01 34.39
CA GLU B 50 -4.91 22.91 33.06
C GLU B 50 -3.92 23.32 31.97
N MET B 51 -4.03 22.64 30.84
CA MET B 51 -3.12 22.85 29.73
C MET B 51 -3.90 23.15 28.44
N SER B 52 -3.47 24.17 27.72
CA SER B 52 -4.04 24.45 26.40
C SER B 52 -3.38 23.52 25.39
N ASP B 53 -4.02 23.33 24.25
CA ASP B 53 -3.46 22.51 23.18
C ASP B 53 -2.21 23.17 22.61
N MET B 54 -1.23 22.36 22.25
CA MET B 54 0.03 22.90 21.73
C MET B 54 -0.13 23.42 20.30
N SER B 55 0.40 24.61 20.08
CA SER B 55 0.34 25.28 18.78
C SER B 55 1.73 25.81 18.41
N PHE B 56 1.87 26.35 17.20
CA PHE B 56 3.12 26.99 16.78
C PHE B 56 2.90 28.26 15.97
N SER B 57 3.87 29.17 16.05
CA SER B 57 3.81 30.45 15.34
C SER B 57 4.25 30.32 13.89
N LYS B 58 4.32 31.46 13.19
CA LYS B 58 4.73 31.50 11.78
C LYS B 58 6.19 31.07 11.58
N ASP B 59 7.00 31.23 12.63
CA ASP B 59 8.41 30.84 12.58
C ASP B 59 8.63 29.37 12.95
N TRP B 60 7.54 28.61 13.02
CA TRP B 60 7.54 27.16 13.26
C TRP B 60 7.90 26.73 14.69
N SER B 61 8.16 27.71 15.56
CA SER B 61 8.49 27.42 16.95
C SER B 61 7.22 27.13 17.75
N PHE B 62 7.29 26.12 18.61
CA PHE B 62 6.14 25.69 19.40
C PHE B 62 5.89 26.57 20.61
N TYR B 63 4.62 26.68 20.99
CA TYR B 63 4.22 27.40 22.21
C TYR B 63 3.02 26.71 22.87
N ILE B 64 2.92 26.85 24.19
CA ILE B 64 1.85 26.23 24.97
C ILE B 64 1.57 27.01 26.25
N LEU B 65 0.29 27.16 26.59
CA LEU B 65 -0.11 27.88 27.79
C LEU B 65 -0.58 26.94 28.90
N ALA B 66 0.11 27.02 30.04
CA ALA B 66 -0.30 26.31 31.25
C ALA B 66 -0.88 27.31 32.23
N HIS B 67 -1.99 26.93 32.87
CA HIS B 67 -2.62 27.79 33.87
C HIS B 67 -3.27 27.00 35.00
N THR B 68 -3.34 27.62 36.18
CA THR B 68 -3.96 27.00 37.35
C THR B 68 -4.52 28.06 38.32
N GLU B 69 -5.51 27.65 39.11
CA GLU B 69 -6.10 28.54 40.12
C GLU B 69 -5.21 28.62 41.34
N PHE B 70 -4.95 29.85 41.81
CA PHE B 70 -4.08 30.07 42.95
C PHE B 70 -4.53 31.25 43.81
N THR B 71 -4.15 31.22 45.08
CA THR B 71 -4.39 32.33 46.00
C THR B 71 -3.04 32.82 46.56
N PRO B 72 -2.57 33.99 46.07
CA PRO B 72 -1.28 34.54 46.49
C PRO B 72 -1.28 35.03 47.94
N THR B 73 -0.20 34.73 48.65
CA THR B 73 0.02 35.25 50.00
C THR B 73 1.41 35.87 50.07
N GLU B 74 1.71 36.53 51.19
CA GLU B 74 3.03 37.12 51.42
C GLU B 74 4.11 36.05 51.54
N THR B 75 3.71 34.86 52.00
CA THR B 75 4.66 33.80 52.34
C THR B 75 4.89 32.75 51.23
N ASP B 76 3.85 32.46 50.46
CA ASP B 76 3.90 31.37 49.47
C ASP B 76 4.69 31.71 48.19
N THR B 77 5.37 30.71 47.65
CA THR B 77 6.20 30.86 46.46
C THR B 77 5.64 30.02 45.30
N TYR B 78 5.37 30.68 44.18
CA TYR B 78 4.85 30.01 42.98
C TYR B 78 5.87 30.02 41.86
N ALA B 79 5.97 28.91 41.14
CA ALA B 79 6.97 28.76 40.08
C ALA B 79 6.48 27.87 38.93
N CYS B 80 7.21 27.94 37.81
CA CYS B 80 6.94 27.07 36.66
C CYS B 80 8.21 26.33 36.24
N ARG B 81 8.15 25.00 36.30
CA ARG B 81 9.31 24.15 36.00
C ARG B 81 9.13 23.42 34.67
N VAL B 82 10.16 23.48 33.83
CA VAL B 82 10.10 22.91 32.48
C VAL B 82 11.31 22.03 32.17
N LYS B 83 11.03 20.79 31.75
CA LYS B 83 12.06 19.86 31.29
C LYS B 83 11.99 19.71 29.78
N HIS B 84 13.10 19.97 29.10
CA HIS B 84 13.18 19.84 27.65
C HIS B 84 14.52 19.23 27.23
N ALA B 85 14.54 18.60 26.06
CA ALA B 85 15.73 17.93 25.54
C ALA B 85 16.90 18.88 25.30
N SER B 86 16.58 20.13 24.94
CA SER B 86 17.59 21.16 24.65
C SER B 86 18.38 21.60 25.89
N MET B 87 17.78 21.40 27.07
CA MET B 87 18.43 21.76 28.33
C MET B 87 18.88 20.52 29.09
N ALA B 88 20.09 20.58 29.63
CA ALA B 88 20.60 19.50 30.47
C ALA B 88 19.86 19.48 31.81
N GLU B 89 19.60 20.67 32.35
CA GLU B 89 18.90 20.85 33.61
C GLU B 89 17.51 21.42 33.39
N PRO B 90 16.54 21.09 34.28
CA PRO B 90 15.23 21.72 34.22
C PRO B 90 15.29 23.18 34.67
N LYS B 91 14.72 24.08 33.87
CA LYS B 91 14.71 25.51 34.19
C LYS B 91 13.46 25.90 34.98
N THR B 92 13.66 26.48 36.15
CA THR B 92 12.58 26.92 37.02
C THR B 92 12.50 28.44 37.04
N VAL B 93 11.35 28.98 36.68
CA VAL B 93 11.12 30.43 36.72
C VAL B 93 10.10 30.74 37.81
N TYR B 94 10.51 31.57 38.76
CA TYR B 94 9.66 31.96 39.89
C TYR B 94 8.79 33.14 39.54
N TRP B 95 7.56 33.13 40.06
CA TRP B 95 6.62 34.22 39.87
C TRP B 95 7.00 35.42 40.74
N ASP B 96 7.01 36.59 40.12
CA ASP B 96 7.28 37.85 40.82
C ASP B 96 6.24 38.88 40.41
N ARG B 97 5.54 39.44 41.40
CA ARG B 97 4.48 40.41 41.15
C ARG B 97 5.00 41.78 40.71
N THR C 3 -9.53 -11.15 5.52
CA THR C 3 -9.05 -10.66 4.19
C THR C 3 -9.83 -9.42 3.78
N GLN C 4 -9.11 -8.44 3.24
CA GLN C 4 -9.69 -7.17 2.82
C GLN C 4 -10.27 -7.18 1.40
N VAL C 5 -9.90 -8.18 0.61
CA VAL C 5 -10.41 -8.34 -0.76
C VAL C 5 -11.05 -9.72 -0.96
N GLU C 6 -12.35 -9.74 -1.23
CA GLU C 6 -13.11 -10.98 -1.41
C GLU C 6 -13.68 -11.07 -2.83
N GLN C 7 -13.60 -12.26 -3.41
CA GLN C 7 -14.09 -12.50 -4.77
C GLN C 7 -15.19 -13.55 -4.82
N SER C 8 -16.16 -13.31 -5.70
CA SER C 8 -17.28 -14.21 -5.91
C SER C 8 -17.64 -14.24 -7.40
N PRO C 9 -17.94 -15.43 -7.96
CA PRO C 9 -17.93 -16.75 -7.33
C PRO C 9 -16.51 -17.28 -7.16
N GLN C 10 -16.38 -18.40 -6.46
CA GLN C 10 -15.08 -19.03 -6.25
C GLN C 10 -14.70 -19.82 -7.50
N SER C 11 -15.54 -20.79 -7.85
CA SER C 11 -15.39 -21.57 -9.07
C SER C 11 -16.56 -21.27 -10.00
N LEU C 12 -16.35 -21.46 -11.30
CA LEU C 12 -17.33 -21.11 -12.31
C LEU C 12 -17.19 -21.97 -13.57
N VAL C 13 -18.27 -22.66 -13.94
CA VAL C 13 -18.29 -23.48 -15.15
C VAL C 13 -19.31 -22.93 -16.14
N VAL C 14 -18.85 -22.62 -17.35
CA VAL C 14 -19.65 -21.92 -18.35
C VAL C 14 -19.40 -22.50 -19.74
N ARG C 15 -20.45 -22.52 -20.58
CA ARG C 15 -20.32 -22.99 -21.96
C ARG C 15 -19.79 -21.91 -22.89
N GLN C 16 -19.14 -22.32 -23.97
CA GLN C 16 -18.62 -21.39 -24.99
C GLN C 16 -19.72 -20.50 -25.55
N GLY C 17 -19.42 -19.21 -25.65
CA GLY C 17 -20.37 -18.24 -26.22
C GLY C 17 -21.26 -17.57 -25.19
N GLU C 18 -21.24 -18.08 -23.96
CA GLU C 18 -22.07 -17.54 -22.89
C GLU C 18 -21.37 -16.38 -22.18
N ASN C 19 -22.17 -15.47 -21.61
CA ASN C 19 -21.63 -14.35 -20.85
C ASN C 19 -21.53 -14.70 -19.37
N CYS C 20 -20.56 -14.10 -18.69
CA CYS C 20 -20.42 -14.26 -17.24
C CYS C 20 -19.96 -12.98 -16.57
N VAL C 21 -20.35 -12.81 -15.31
CA VAL C 21 -19.96 -11.65 -14.52
C VAL C 21 -19.26 -12.11 -13.24
N LEU C 22 -18.13 -11.47 -12.93
CA LEU C 22 -17.35 -11.79 -11.74
C LEU C 22 -17.34 -10.63 -10.77
N GLN C 23 -17.70 -10.91 -9.51
CA GLN C 23 -17.80 -9.87 -8.48
C GLN C 23 -16.50 -9.75 -7.69
N CYS C 24 -16.19 -8.53 -7.26
CA CYS C 24 -15.11 -8.27 -6.31
C CYS C 24 -15.54 -7.25 -5.26
N ASN C 25 -15.58 -7.67 -4.01
CA ASN C 25 -15.88 -6.79 -2.89
C ASN C 25 -14.66 -6.62 -2.01
N TYR C 26 -14.49 -5.41 -1.47
CA TYR C 26 -13.32 -5.11 -0.66
C TYR C 26 -13.61 -4.16 0.50
N SER C 27 -12.69 -4.11 1.46
CA SER C 27 -12.78 -3.20 2.61
C SER C 27 -11.52 -2.37 2.75
N VAL C 28 -10.70 -2.34 1.69
CA VAL C 28 -9.43 -1.62 1.68
C VAL C 28 -9.64 -0.11 1.79
N THR C 29 -8.96 0.51 2.74
CA THR C 29 -9.03 1.95 2.96
C THR C 29 -7.63 2.56 2.98
N PRO C 30 -7.37 3.53 2.07
CA PRO C 30 -8.31 3.99 1.05
C PRO C 30 -8.20 3.18 -0.24
N ASP C 31 -9.06 3.48 -1.21
CA ASP C 31 -9.09 2.75 -2.47
C ASP C 31 -8.78 3.65 -3.67
N ASN C 32 -7.52 3.65 -4.08
CA ASN C 32 -7.08 4.49 -5.20
C ASN C 32 -7.54 3.92 -6.54
N HIS C 33 -7.16 2.67 -6.80
CA HIS C 33 -7.50 2.02 -8.06
C HIS C 33 -7.81 0.54 -7.85
N LEU C 34 -8.53 -0.05 -8.80
CA LEU C 34 -8.81 -1.47 -8.81
C LEU C 34 -8.39 -2.08 -10.15
N ARG C 35 -7.73 -3.23 -10.07
CA ARG C 35 -7.16 -3.88 -11.25
C ARG C 35 -7.61 -5.33 -11.33
N TRP C 36 -7.89 -5.79 -12.55
CA TRP C 36 -8.26 -7.17 -12.81
C TRP C 36 -7.15 -7.90 -13.58
N PHE C 37 -6.69 -9.02 -13.03
CA PHE C 37 -5.67 -9.84 -13.68
C PHE C 37 -6.27 -11.12 -14.27
N LYS C 38 -5.64 -11.61 -15.32
CA LYS C 38 -5.95 -12.93 -15.86
C LYS C 38 -4.71 -13.81 -15.74
N GLN C 39 -4.89 -15.00 -15.19
CA GLN C 39 -3.79 -15.94 -14.99
C GLN C 39 -4.15 -17.34 -15.48
N ASP C 40 -3.52 -17.77 -16.58
CA ASP C 40 -3.63 -19.13 -17.07
C ASP C 40 -3.01 -20.09 -16.05
N THR C 41 -3.45 -21.34 -16.06
CA THR C 41 -2.95 -22.35 -15.12
C THR C 41 -1.43 -22.38 -15.11
N GLY C 42 -0.86 -21.91 -13.99
CA GLY C 42 0.59 -21.85 -13.79
C GLY C 42 1.32 -20.93 -14.75
N LYS C 43 0.86 -19.68 -14.85
CA LYS C 43 1.47 -18.70 -15.75
C LYS C 43 1.52 -17.31 -15.10
N GLY C 44 1.76 -16.28 -15.92
CA GLY C 44 1.94 -14.92 -15.43
C GLY C 44 0.66 -14.16 -15.20
N LEU C 45 0.81 -12.92 -14.73
CA LEU C 45 -0.32 -12.05 -14.42
C LEU C 45 -0.54 -11.03 -15.54
N VAL C 46 -1.54 -11.29 -16.38
CA VAL C 46 -1.88 -10.40 -17.48
C VAL C 46 -2.94 -9.40 -17.04
N SER C 47 -2.60 -8.11 -17.07
CA SER C 47 -3.52 -7.04 -16.70
C SER C 47 -4.59 -6.85 -17.77
N LEU C 48 -5.85 -6.90 -17.34
CA LEU C 48 -6.98 -6.74 -18.26
C LEU C 48 -7.48 -5.30 -18.33
N THR C 49 -7.63 -4.68 -17.16
CA THR C 49 -8.11 -3.30 -17.06
C THR C 49 -7.83 -2.66 -15.69
N VAL C 50 -7.87 -1.33 -15.65
CA VAL C 50 -7.68 -0.58 -14.41
C VAL C 50 -8.83 0.42 -14.21
N LEU C 51 -9.49 0.34 -13.06
CA LEU C 51 -10.58 1.25 -12.70
C LEU C 51 -10.05 2.23 -11.66
N VAL C 52 -10.22 3.53 -11.91
CA VAL C 52 -9.63 4.56 -11.05
C VAL C 52 -10.60 5.59 -10.47
N ASP C 53 -11.75 5.78 -11.12
CA ASP C 53 -12.69 6.83 -10.72
C ASP C 53 -13.76 6.35 -9.72
N GLN C 54 -14.36 7.32 -9.02
CA GLN C 54 -15.39 7.06 -8.01
C GLN C 54 -16.46 6.10 -8.52
N LYS C 55 -16.98 6.41 -9.72
CA LYS C 55 -17.87 5.51 -10.43
C LYS C 55 -17.33 5.35 -11.85
N ASP C 56 -16.58 4.26 -12.05
CA ASP C 56 -15.82 4.07 -13.27
C ASP C 56 -16.32 2.91 -14.11
N LYS C 57 -16.13 3.02 -15.42
CA LYS C 57 -16.46 1.98 -16.37
C LYS C 57 -15.33 1.84 -17.39
N THR C 58 -14.86 0.62 -17.60
CA THR C 58 -13.81 0.36 -18.59
C THR C 58 -14.15 -0.83 -19.48
N SER C 59 -13.53 -0.88 -20.65
CA SER C 59 -13.71 -2.00 -21.57
C SER C 59 -12.40 -2.36 -22.27
N ASN C 60 -12.26 -3.64 -22.61
CA ASN C 60 -11.08 -4.15 -23.30
C ASN C 60 -11.45 -5.37 -24.15
N GLY C 61 -11.88 -5.09 -25.38
CA GLY C 61 -12.31 -6.13 -26.30
C GLY C 61 -13.61 -6.78 -25.86
N ARG C 62 -13.49 -7.98 -25.30
CA ARG C 62 -14.65 -8.73 -24.82
C ARG C 62 -14.83 -8.60 -23.31
N TYR C 63 -13.85 -7.99 -22.64
CA TYR C 63 -13.94 -7.69 -21.22
C TYR C 63 -14.49 -6.29 -21.01
N SER C 64 -15.38 -6.16 -20.03
CA SER C 64 -15.82 -4.84 -19.56
C SER C 64 -15.95 -4.87 -18.04
N ALA C 65 -15.71 -3.73 -17.40
CA ALA C 65 -15.69 -3.65 -15.94
C ALA C 65 -16.34 -2.39 -15.40
N THR C 66 -16.79 -2.46 -14.15
CA THR C 66 -17.35 -1.31 -13.43
C THR C 66 -16.70 -1.20 -12.05
N LEU C 67 -16.76 0.01 -11.47
CA LEU C 67 -16.29 0.24 -10.11
C LEU C 67 -17.16 1.27 -9.41
N ASP C 68 -17.64 0.89 -8.22
CA ASP C 68 -18.35 1.81 -7.34
C ASP C 68 -17.59 1.88 -6.02
N LYS C 69 -16.99 3.03 -5.76
CA LYS C 69 -16.14 3.20 -4.57
C LYS C 69 -16.92 3.60 -3.31
N ASP C 70 -18.19 3.94 -3.47
CA ASP C 70 -19.08 4.11 -2.32
C ASP C 70 -19.49 2.75 -1.77
N ALA C 71 -19.78 1.82 -2.68
CA ALA C 71 -20.18 0.47 -2.32
C ALA C 71 -18.99 -0.49 -2.18
N LYS C 72 -17.80 0.02 -2.51
CA LYS C 72 -16.55 -0.77 -2.47
C LYS C 72 -16.73 -2.07 -3.27
N HIS C 73 -17.20 -1.93 -4.51
CA HIS C 73 -17.60 -3.08 -5.32
C HIS C 73 -17.23 -2.94 -6.80
N SER C 74 -16.78 -4.05 -7.38
CA SER C 74 -16.41 -4.11 -8.79
C SER C 74 -16.88 -5.39 -9.44
N THR C 75 -17.35 -5.28 -10.68
CA THR C 75 -17.72 -6.44 -11.49
C THR C 75 -16.91 -6.48 -12.77
N LEU C 76 -16.53 -7.68 -13.19
CA LEU C 76 -15.89 -7.89 -14.48
C LEU C 76 -16.77 -8.76 -15.36
N HIS C 77 -17.22 -8.19 -16.48
CA HIS C 77 -18.07 -8.89 -17.44
C HIS C 77 -17.22 -9.44 -18.58
N ILE C 78 -17.42 -10.72 -18.90
CA ILE C 78 -16.81 -11.33 -20.08
C ILE C 78 -17.91 -11.70 -21.07
N THR C 79 -17.91 -11.03 -22.22
CA THR C 79 -18.90 -11.28 -23.27
C THR C 79 -18.41 -12.36 -24.23
N ALA C 80 -19.29 -13.29 -24.57
CA ALA C 80 -19.00 -14.41 -25.48
C ALA C 80 -17.71 -15.14 -25.13
N THR C 81 -17.80 -16.00 -24.11
CA THR C 81 -16.64 -16.73 -23.59
C THR C 81 -16.04 -17.69 -24.61
N LEU C 82 -14.71 -17.70 -24.68
CA LEU C 82 -13.97 -18.63 -25.52
C LEU C 82 -13.19 -19.60 -24.64
N LEU C 83 -12.65 -20.65 -25.25
CA LEU C 83 -11.86 -21.66 -24.54
C LEU C 83 -10.67 -21.05 -23.80
N ASP C 84 -9.98 -20.11 -24.43
CA ASP C 84 -8.81 -19.45 -23.84
C ASP C 84 -9.11 -18.64 -22.57
N ASP C 85 -10.39 -18.38 -22.31
CA ASP C 85 -10.82 -17.68 -21.10
C ASP C 85 -10.70 -18.55 -19.85
N THR C 86 -10.49 -19.85 -20.06
CA THR C 86 -10.29 -20.80 -18.96
C THR C 86 -9.02 -20.42 -18.19
N ALA C 87 -9.23 -19.72 -17.07
CA ALA C 87 -8.16 -19.17 -16.26
C ALA C 87 -8.70 -18.70 -14.92
N THR C 88 -7.80 -18.39 -14.00
CA THR C 88 -8.16 -17.77 -12.73
C THR C 88 -8.11 -16.25 -12.90
N TYR C 89 -9.12 -15.56 -12.38
CA TYR C 89 -9.22 -14.11 -12.51
C TYR C 89 -9.08 -13.44 -11.15
N ILE C 90 -8.11 -12.52 -11.05
CA ILE C 90 -7.70 -11.95 -9.77
C ILE C 90 -8.00 -10.46 -9.66
N CYS C 91 -8.61 -10.09 -8.53
CA CYS C 91 -8.95 -8.71 -8.21
C CYS C 91 -7.88 -8.10 -7.30
N VAL C 92 -7.44 -6.88 -7.63
CA VAL C 92 -6.37 -6.20 -6.88
C VAL C 92 -6.71 -4.75 -6.59
N VAL C 93 -6.55 -4.34 -5.32
CA VAL C 93 -6.79 -2.96 -4.91
C VAL C 93 -5.50 -2.32 -4.38
N GLY C 94 -5.17 -1.15 -4.91
CA GLY C 94 -4.03 -0.37 -4.45
C GLY C 94 -4.48 0.81 -3.61
N ASP C 95 -3.85 0.98 -2.44
CA ASP C 95 -4.30 2.00 -1.49
C ASP C 95 -3.69 3.40 -1.66
N ARG C 96 -2.79 3.57 -2.62
CA ARG C 96 -2.24 4.89 -2.96
C ARG C 96 -2.16 5.09 -4.48
N GLY C 97 -2.05 6.35 -4.89
CA GLY C 97 -1.83 6.69 -6.29
C GLY C 97 -0.37 6.77 -6.68
N SER C 98 0.48 6.05 -5.93
CA SER C 98 1.93 6.08 -6.14
C SER C 98 2.60 4.79 -5.62
N ALA C 99 3.93 4.79 -5.66
CA ALA C 99 4.73 3.65 -5.21
C ALA C 99 4.61 3.39 -3.71
N LEU C 100 4.09 4.37 -2.98
CA LEU C 100 3.88 4.24 -1.53
C LEU C 100 2.76 3.27 -1.20
N GLY C 101 1.98 2.92 -2.22
CA GLY C 101 0.84 2.03 -2.07
C GLY C 101 1.19 0.57 -1.84
N ARG C 102 0.32 -0.11 -1.11
CA ARG C 102 0.37 -1.55 -0.96
C ARG C 102 -0.77 -2.16 -1.77
N LEU C 103 -0.48 -3.26 -2.46
CA LEU C 103 -1.49 -3.95 -3.26
C LEU C 103 -2.15 -5.06 -2.45
N HIS C 104 -3.48 -5.09 -2.50
CA HIS C 104 -4.27 -6.06 -1.76
C HIS C 104 -4.93 -7.01 -2.74
N PHE C 105 -4.54 -8.28 -2.67
CA PHE C 105 -4.93 -9.27 -3.66
C PHE C 105 -6.11 -10.13 -3.21
N GLY C 106 -7.00 -10.42 -4.16
CA GLY C 106 -8.06 -11.40 -3.95
C GLY C 106 -7.56 -12.79 -4.29
N ALA C 107 -8.16 -13.80 -3.67
CA ALA C 107 -7.79 -15.21 -3.90
C ALA C 107 -8.10 -15.66 -5.33
N GLY C 108 -8.99 -14.94 -6.00
CA GLY C 108 -9.29 -15.20 -7.41
C GLY C 108 -10.60 -15.92 -7.67
N THR C 109 -11.03 -15.87 -8.93
CA THR C 109 -12.19 -16.61 -9.40
C THR C 109 -11.75 -17.54 -10.51
N GLN C 110 -11.95 -18.84 -10.32
CA GLN C 110 -11.56 -19.83 -11.30
C GLN C 110 -12.66 -20.02 -12.34
N LEU C 111 -12.34 -19.75 -13.60
CA LEU C 111 -13.30 -19.90 -14.69
C LEU C 111 -12.91 -21.05 -15.61
N ILE C 112 -13.87 -21.95 -15.84
CA ILE C 112 -13.72 -23.01 -16.83
C ILE C 112 -14.77 -22.83 -17.92
N VAL C 113 -14.30 -22.71 -19.15
CA VAL C 113 -15.18 -22.59 -20.32
C VAL C 113 -15.19 -23.89 -21.08
N ILE C 114 -16.37 -24.47 -21.25
CA ILE C 114 -16.52 -25.72 -22.00
C ILE C 114 -16.67 -25.41 -23.49
N PRO C 115 -15.72 -25.89 -24.32
CA PRO C 115 -15.71 -25.61 -25.76
C PRO C 115 -16.80 -26.34 -26.52
N ASP C 116 -17.33 -25.67 -27.55
CA ASP C 116 -18.39 -26.24 -28.38
C ASP C 116 -17.78 -27.14 -29.45
N ILE C 117 -18.14 -28.42 -29.42
CA ILE C 117 -17.68 -29.39 -30.41
C ILE C 117 -18.60 -29.37 -31.62
N GLN C 118 -18.04 -29.00 -32.77
CA GLN C 118 -18.80 -28.80 -34.00
C GLN C 118 -19.38 -30.12 -34.54
N ASN C 119 -18.49 -31.04 -34.91
CA ASN C 119 -18.90 -32.34 -35.43
C ASN C 119 -18.22 -33.48 -34.67
N PRO C 120 -18.92 -34.07 -33.68
CA PRO C 120 -18.38 -35.19 -32.91
C PRO C 120 -18.26 -36.47 -33.74
N ASP C 121 -17.09 -37.11 -33.67
CA ASP C 121 -16.83 -38.35 -34.40
C ASP C 121 -15.98 -39.28 -33.52
N PRO C 122 -16.54 -39.74 -32.38
CA PRO C 122 -15.75 -40.44 -31.35
C PRO C 122 -15.13 -41.75 -31.83
N ALA C 123 -13.85 -41.92 -31.56
CA ALA C 123 -13.10 -43.11 -31.98
C ALA C 123 -12.01 -43.48 -30.98
N VAL C 124 -11.59 -44.74 -31.02
CA VAL C 124 -10.47 -45.23 -30.21
C VAL C 124 -9.38 -45.78 -31.13
N TYR C 125 -8.25 -45.08 -31.18
CA TYR C 125 -7.13 -45.46 -32.05
C TYR C 125 -5.97 -46.07 -31.27
N GLN C 126 -5.22 -46.93 -31.94
CA GLN C 126 -4.00 -47.52 -31.37
C GLN C 126 -2.76 -46.88 -31.99
N LEU C 127 -1.92 -46.31 -31.14
CA LEU C 127 -0.69 -45.63 -31.58
C LEU C 127 0.54 -46.38 -31.04
N ARG C 128 1.57 -46.49 -31.87
CA ARG C 128 2.76 -47.27 -31.53
C ARG C 128 4.01 -46.42 -31.35
N ASP C 129 4.89 -46.85 -30.44
CA ASP C 129 6.15 -46.17 -30.14
C ASP C 129 7.07 -46.15 -31.37
N SER C 130 7.72 -45.01 -31.58
CA SER C 130 8.60 -44.80 -32.74
C SER C 130 9.85 -45.66 -32.73
N LYS C 131 10.30 -46.05 -31.54
CA LYS C 131 11.51 -46.84 -31.37
C LYS C 131 11.20 -48.29 -31.01
N SER C 132 10.09 -48.49 -30.29
CA SER C 132 9.68 -49.81 -29.84
C SER C 132 8.35 -50.23 -30.45
N SER C 133 8.36 -51.32 -31.21
CA SER C 133 7.16 -51.84 -31.85
C SER C 133 6.15 -52.36 -30.83
N ASP C 134 6.66 -53.01 -29.78
CA ASP C 134 5.83 -53.67 -28.76
C ASP C 134 5.01 -52.71 -27.89
N LYS C 135 5.60 -51.58 -27.49
CA LYS C 135 4.91 -50.60 -26.65
C LYS C 135 3.89 -49.79 -27.47
N SER C 136 2.71 -49.55 -26.87
CA SER C 136 1.62 -48.85 -27.55
C SER C 136 0.70 -48.08 -26.59
N VAL C 137 -0.02 -47.09 -27.13
CA VAL C 137 -1.04 -46.36 -26.37
C VAL C 137 -2.39 -46.34 -27.10
N CYS C 138 -3.46 -46.13 -26.34
CA CYS C 138 -4.81 -46.02 -26.91
C CYS C 138 -5.31 -44.57 -26.84
N LEU C 139 -5.83 -44.08 -27.96
CA LEU C 139 -6.29 -42.70 -28.07
C LEU C 139 -7.81 -42.62 -28.28
N PHE C 140 -8.52 -42.21 -27.24
CA PHE C 140 -9.94 -41.90 -27.33
C PHE C 140 -10.08 -40.42 -27.64
N THR C 141 -10.60 -40.11 -28.82
CA THR C 141 -10.66 -38.73 -29.30
C THR C 141 -11.95 -38.41 -30.07
N ASP C 142 -12.16 -37.11 -30.32
CA ASP C 142 -13.28 -36.60 -31.12
C ASP C 142 -14.66 -36.86 -30.51
N PHE C 143 -14.72 -36.90 -29.19
CA PHE C 143 -15.98 -37.05 -28.47
C PHE C 143 -16.51 -35.70 -27.98
N ASP C 144 -17.83 -35.59 -27.88
CA ASP C 144 -18.49 -34.34 -27.50
C ASP C 144 -18.23 -33.96 -26.04
N SER C 145 -18.57 -32.71 -25.70
CA SER C 145 -18.27 -32.12 -24.40
C SER C 145 -18.86 -32.86 -23.20
N GLN C 146 -20.11 -33.32 -23.35
CA GLN C 146 -20.82 -34.00 -22.27
C GLN C 146 -20.54 -35.51 -22.21
N THR C 147 -19.28 -35.89 -22.42
CA THR C 147 -18.84 -37.27 -22.28
C THR C 147 -17.75 -37.35 -21.23
N ASN C 148 -18.02 -38.10 -20.16
CA ASN C 148 -17.10 -38.24 -19.04
C ASN C 148 -16.13 -39.40 -19.21
N VAL C 149 -14.84 -39.12 -19.04
CA VAL C 149 -13.81 -40.14 -19.12
C VAL C 149 -13.47 -40.60 -17.70
N SER C 150 -13.84 -41.84 -17.39
CA SER C 150 -13.64 -42.39 -16.04
C SER C 150 -12.27 -43.04 -15.88
N GLN C 151 -11.79 -43.06 -14.64
CA GLN C 151 -10.50 -43.67 -14.30
C GLN C 151 -10.55 -45.20 -14.42
N SER C 152 -9.38 -45.80 -14.59
CA SER C 152 -9.25 -47.25 -14.81
C SER C 152 -9.68 -48.10 -13.62
N LYS C 153 -10.31 -49.23 -13.91
CA LYS C 153 -10.69 -50.20 -12.87
C LYS C 153 -9.48 -51.04 -12.44
N ASP C 154 -8.51 -51.20 -13.34
CA ASP C 154 -7.27 -51.93 -13.04
C ASP C 154 -6.16 -50.94 -12.69
N SER C 155 -5.40 -51.28 -11.64
CA SER C 155 -4.33 -50.41 -11.14
C SER C 155 -3.11 -50.37 -12.07
N ASP C 156 -2.95 -51.42 -12.88
CA ASP C 156 -1.85 -51.49 -13.85
C ASP C 156 -2.15 -50.73 -15.14
N VAL C 157 -3.42 -50.31 -15.30
CA VAL C 157 -3.86 -49.53 -16.45
C VAL C 157 -3.99 -48.05 -16.05
N TYR C 158 -3.56 -47.16 -16.94
CA TYR C 158 -3.59 -45.72 -16.68
C TYR C 158 -4.42 -44.99 -17.72
N ILE C 159 -5.38 -44.19 -17.24
CA ILE C 159 -6.25 -43.39 -18.10
C ILE C 159 -6.16 -41.92 -17.70
N THR C 160 -5.82 -41.07 -18.66
CA THR C 160 -5.72 -39.63 -18.42
C THR C 160 -7.10 -38.97 -18.48
N ASP C 161 -7.21 -37.79 -17.88
CA ASP C 161 -8.45 -37.02 -17.91
C ASP C 161 -8.63 -36.35 -19.26
N LYS C 162 -9.85 -35.88 -19.51
CA LYS C 162 -10.22 -35.16 -20.74
C LYS C 162 -9.25 -34.01 -21.04
N CYS C 163 -9.00 -33.79 -22.32
CA CYS C 163 -8.12 -32.71 -22.77
C CYS C 163 -8.55 -32.21 -24.15
N VAL C 164 -8.77 -30.90 -24.26
CA VAL C 164 -9.18 -30.30 -25.54
C VAL C 164 -8.05 -29.49 -26.18
N LEU C 165 -7.72 -29.81 -27.43
CA LEU C 165 -6.68 -29.10 -28.18
C LEU C 165 -7.30 -28.24 -29.28
N ASP C 166 -6.58 -27.19 -29.67
CA ASP C 166 -7.10 -26.25 -30.65
C ASP C 166 -6.17 -26.09 -31.84
N MET C 167 -6.59 -26.64 -32.98
CA MET C 167 -5.92 -26.42 -34.25
C MET C 167 -6.41 -25.07 -34.79
N ARG C 168 -5.77 -24.00 -34.34
CA ARG C 168 -6.20 -22.64 -34.63
C ARG C 168 -6.12 -22.25 -36.11
N SER C 169 -5.33 -23.02 -36.87
CA SER C 169 -5.19 -22.83 -38.31
C SER C 169 -6.47 -23.23 -39.07
N MET C 170 -7.21 -24.19 -38.51
CA MET C 170 -8.39 -24.74 -39.17
C MET C 170 -9.71 -24.38 -38.46
N ASP C 171 -9.61 -23.66 -37.35
CA ASP C 171 -10.76 -23.39 -36.46
C ASP C 171 -11.41 -24.71 -36.05
N PHE C 172 -10.60 -25.57 -35.44
CA PHE C 172 -11.01 -26.93 -35.10
C PHE C 172 -10.58 -27.29 -33.67
N LYS C 173 -11.55 -27.73 -32.87
CA LYS C 173 -11.30 -28.18 -31.51
C LYS C 173 -11.83 -29.60 -31.32
N SER C 174 -11.09 -30.41 -30.57
CA SER C 174 -11.50 -31.78 -30.28
C SER C 174 -10.98 -32.27 -28.92
N ASN C 175 -11.84 -32.99 -28.21
CA ASN C 175 -11.50 -33.60 -26.93
C ASN C 175 -10.68 -34.87 -27.12
N SER C 176 -9.93 -35.24 -26.08
CA SER C 176 -9.02 -36.39 -26.16
C SER C 176 -8.66 -36.96 -24.79
N ALA C 177 -8.38 -38.27 -24.78
CA ALA C 177 -7.93 -38.98 -23.58
C ALA C 177 -7.02 -40.15 -23.98
N VAL C 178 -5.96 -40.36 -23.21
CA VAL C 178 -4.96 -41.40 -23.50
C VAL C 178 -5.03 -42.52 -22.46
N ALA C 179 -4.90 -43.75 -22.93
CA ALA C 179 -4.89 -44.92 -22.05
C ALA C 179 -3.78 -45.90 -22.44
N TRP C 180 -3.09 -46.42 -21.43
CA TRP C 180 -2.03 -47.41 -21.63
C TRP C 180 -1.89 -48.33 -20.40
N SER C 181 -1.13 -49.41 -20.58
CA SER C 181 -0.89 -50.37 -19.49
C SER C 181 0.49 -51.02 -19.60
N ASN C 182 1.01 -51.47 -18.47
CA ASN C 182 2.29 -52.19 -18.43
C ASN C 182 2.16 -53.66 -18.83
N LYS C 183 0.93 -54.16 -18.84
CA LYS C 183 0.65 -55.56 -19.18
C LYS C 183 0.83 -55.86 -20.66
N SER C 184 1.20 -57.09 -20.98
CA SER C 184 1.42 -57.54 -22.35
C SER C 184 0.11 -57.74 -23.12
N ASP C 185 -0.81 -58.48 -22.53
CA ASP C 185 -2.12 -58.74 -23.14
C ASP C 185 -3.11 -57.60 -22.85
N PHE C 186 -2.93 -56.48 -23.56
CA PHE C 186 -3.75 -55.29 -23.38
C PHE C 186 -4.23 -54.75 -24.72
N ALA C 187 -5.53 -54.52 -24.84
CA ALA C 187 -6.15 -54.07 -26.09
C ALA C 187 -6.97 -52.79 -25.92
N CYS C 188 -7.02 -51.99 -26.99
CA CYS C 188 -7.70 -50.70 -26.98
C CYS C 188 -9.23 -50.82 -26.95
N ALA C 189 -9.76 -51.91 -27.49
CA ALA C 189 -11.19 -52.17 -27.48
C ALA C 189 -11.73 -52.36 -26.06
N ASN C 190 -10.89 -52.88 -25.18
CA ASN C 190 -11.24 -53.11 -23.78
C ASN C 190 -10.69 -52.04 -22.84
N ALA C 191 -10.04 -51.03 -23.41
CA ALA C 191 -9.43 -49.95 -22.63
C ALA C 191 -10.45 -49.02 -21.99
N PHE C 192 -11.61 -48.88 -22.63
CA PHE C 192 -12.67 -48.00 -22.13
C PHE C 192 -13.96 -48.76 -21.84
N ASN C 193 -13.84 -49.84 -21.09
CA ASN C 193 -14.99 -50.62 -20.63
C ASN C 193 -15.73 -49.92 -19.50
N ASN C 194 -14.99 -49.51 -18.47
CA ASN C 194 -15.55 -48.79 -17.33
C ASN C 194 -15.59 -47.28 -17.60
N SER C 195 -16.34 -46.90 -18.64
CA SER C 195 -16.50 -45.51 -19.03
C SER C 195 -17.79 -45.35 -19.85
N ILE C 196 -18.56 -44.31 -19.56
CA ILE C 196 -19.79 -44.03 -20.28
C ILE C 196 -19.49 -43.38 -21.64
N ILE C 197 -19.18 -44.22 -22.61
CA ILE C 197 -18.84 -43.79 -23.97
C ILE C 197 -20.05 -43.88 -24.91
N PRO C 198 -20.09 -43.01 -25.94
CA PRO C 198 -21.19 -42.99 -26.93
C PRO C 198 -21.46 -44.34 -27.61
N GLU C 199 -22.68 -44.50 -28.13
CA GLU C 199 -23.11 -45.74 -28.76
C GLU C 199 -22.67 -45.87 -30.23
N ASP C 200 -21.92 -44.88 -30.72
CA ASP C 200 -21.42 -44.89 -32.10
C ASP C 200 -19.90 -44.69 -32.20
N THR C 201 -19.17 -45.28 -31.26
CA THR C 201 -17.71 -45.19 -31.22
C THR C 201 -17.07 -46.04 -32.32
N PHE C 202 -16.03 -45.49 -32.95
CA PHE C 202 -15.32 -46.17 -34.04
C PHE C 202 -14.14 -46.99 -33.52
N PHE C 203 -14.18 -48.30 -33.78
CA PHE C 203 -13.07 -49.19 -33.49
C PHE C 203 -12.55 -49.78 -34.80
N PRO C 204 -11.29 -49.45 -35.17
CA PRO C 204 -10.69 -49.87 -36.45
C PRO C 204 -10.52 -51.38 -36.60
N SER C 205 -10.79 -51.88 -37.79
CA SER C 205 -10.69 -53.31 -38.09
C SER C 205 -9.28 -53.66 -38.58
N ALA D 3 8.08 -2.51 -20.07
CA ALA D 3 8.82 -2.73 -18.79
C ALA D 3 8.88 -4.21 -18.41
N ALA D 4 9.91 -4.89 -18.92
CA ALA D 4 10.07 -6.33 -18.71
C ALA D 4 10.81 -6.67 -17.42
N VAL D 5 10.37 -7.75 -16.78
CA VAL D 5 10.99 -8.26 -15.55
C VAL D 5 11.19 -9.78 -15.66
N THR D 6 12.44 -10.22 -15.55
CA THR D 6 12.77 -11.64 -15.65
C THR D 6 13.05 -12.23 -14.28
N GLN D 7 12.74 -13.53 -14.12
CA GLN D 7 13.03 -14.25 -12.89
C GLN D 7 13.88 -15.49 -13.17
N SER D 8 14.83 -15.77 -12.29
CA SER D 8 15.65 -16.98 -12.38
C SER D 8 15.93 -17.56 -10.99
N PRO D 9 15.75 -18.89 -10.82
CA PRO D 9 15.28 -19.83 -11.85
C PRO D 9 13.76 -19.76 -12.00
N ARG D 10 13.23 -20.45 -13.00
CA ARG D 10 11.79 -20.48 -13.22
C ARG D 10 11.14 -21.65 -12.49
N ASN D 11 11.97 -22.61 -12.10
CA ASN D 11 11.51 -23.80 -11.39
C ASN D 11 12.66 -24.42 -10.58
N LYS D 12 12.40 -24.77 -9.32
CA LYS D 12 13.43 -25.30 -8.43
C LYS D 12 12.91 -26.37 -7.47
N VAL D 13 13.57 -27.52 -7.49
CA VAL D 13 13.32 -28.58 -6.51
C VAL D 13 14.45 -28.55 -5.48
N ALA D 14 14.09 -28.32 -4.22
CA ALA D 14 15.05 -28.15 -3.15
C ALA D 14 14.78 -29.07 -1.96
N VAL D 15 15.81 -29.29 -1.15
CA VAL D 15 15.69 -30.10 0.07
C VAL D 15 15.57 -29.21 1.30
N THR D 16 14.92 -29.72 2.34
CA THR D 16 14.80 -29.04 3.64
C THR D 16 16.18 -28.76 4.22
N GLY D 17 16.43 -27.51 4.60
CA GLY D 17 17.71 -27.11 5.20
C GLY D 17 18.71 -26.57 4.20
N GLY D 18 18.42 -26.74 2.91
CA GLY D 18 19.27 -26.23 1.84
C GLY D 18 19.10 -24.75 1.61
N LYS D 19 20.10 -24.12 1.02
CA LYS D 19 20.03 -22.70 0.68
C LYS D 19 19.43 -22.53 -0.71
N VAL D 20 18.39 -21.71 -0.78
CA VAL D 20 17.71 -21.43 -2.04
C VAL D 20 17.76 -19.93 -2.31
N THR D 21 18.28 -19.57 -3.48
CA THR D 21 18.35 -18.18 -3.89
C THR D 21 17.46 -17.95 -5.11
N LEU D 22 16.39 -17.19 -4.92
CA LEU D 22 15.52 -16.81 -6.01
C LEU D 22 15.84 -15.38 -6.42
N SER D 23 16.13 -15.19 -7.71
CA SER D 23 16.57 -13.89 -8.21
C SER D 23 15.64 -13.36 -9.29
N CYS D 24 15.58 -12.04 -9.41
CA CYS D 24 14.89 -11.42 -10.54
C CYS D 24 15.62 -10.17 -11.04
N ASN D 25 15.71 -10.07 -12.37
CA ASN D 25 16.38 -8.95 -13.02
C ASN D 25 15.40 -8.00 -13.72
N GLN D 26 15.72 -6.71 -13.67
CA GLN D 26 14.90 -5.66 -14.28
C GLN D 26 15.80 -4.55 -14.83
N THR D 27 15.64 -4.26 -16.12
CA THR D 27 16.49 -3.27 -16.81
C THR D 27 15.76 -1.95 -17.09
N ASN D 28 14.70 -1.69 -16.32
CA ASN D 28 13.84 -0.54 -16.54
C ASN D 28 14.26 0.72 -15.77
N ASN D 29 15.37 0.62 -15.03
CA ASN D 29 15.86 1.68 -14.14
C ASN D 29 14.85 2.08 -13.04
N HIS D 30 14.06 1.09 -12.61
CA HIS D 30 13.08 1.27 -11.54
C HIS D 30 13.76 1.19 -10.18
N ASN D 31 13.48 2.18 -9.32
CA ASN D 31 14.03 2.22 -7.96
C ASN D 31 13.45 1.11 -7.07
N ASN D 32 12.21 0.75 -7.32
CA ASN D 32 11.44 -0.09 -6.40
C ASN D 32 11.19 -1.49 -6.92
N MET D 33 11.42 -2.48 -6.06
CA MET D 33 11.20 -3.90 -6.40
C MET D 33 10.52 -4.64 -5.25
N TYR D 34 9.75 -5.67 -5.58
CA TYR D 34 8.87 -6.34 -4.62
C TYR D 34 8.85 -7.86 -4.81
N TRP D 35 8.77 -8.59 -3.71
CA TRP D 35 8.66 -10.06 -3.74
C TRP D 35 7.34 -10.55 -3.15
N TYR D 36 6.62 -11.35 -3.93
CA TYR D 36 5.35 -11.93 -3.51
C TYR D 36 5.40 -13.46 -3.59
N ARG D 37 4.55 -14.12 -2.80
CA ARG D 37 4.29 -15.55 -2.96
C ARG D 37 2.80 -15.83 -3.13
N GLN D 38 2.48 -16.80 -3.97
CA GLN D 38 1.09 -17.17 -4.26
C GLN D 38 0.79 -18.60 -3.80
N ASP D 39 -0.28 -18.73 -3.01
CA ASP D 39 -0.71 -20.02 -2.49
C ASP D 39 -2.21 -20.19 -2.66
N THR D 40 -2.63 -21.42 -2.98
CA THR D 40 -4.05 -21.74 -3.17
C THR D 40 -4.89 -21.29 -1.97
N GLY D 41 -5.97 -20.57 -2.26
CA GLY D 41 -6.84 -20.05 -1.21
C GLY D 41 -6.37 -18.70 -0.68
N HIS D 42 -5.33 -18.15 -1.31
CA HIS D 42 -4.82 -16.82 -0.97
C HIS D 42 -4.46 -16.04 -2.22
N GLY D 43 -4.56 -14.72 -2.13
CA GLY D 43 -4.01 -13.85 -3.15
C GLY D 43 -2.52 -13.68 -2.89
N LEU D 44 -1.83 -12.96 -3.77
CA LEU D 44 -0.41 -12.68 -3.59
C LEU D 44 -0.15 -11.95 -2.27
N ARG D 45 0.89 -12.37 -1.55
CA ARG D 45 1.26 -11.78 -0.27
C ARG D 45 2.70 -11.27 -0.29
N LEU D 46 2.89 -10.04 0.20
CA LEU D 46 4.19 -9.39 0.20
C LEU D 46 5.13 -9.99 1.26
N ILE D 47 6.34 -10.31 0.84
CA ILE D 47 7.34 -10.90 1.72
C ILE D 47 8.40 -9.85 2.06
N HIS D 48 9.02 -9.29 1.01
CA HIS D 48 10.05 -8.29 1.14
C HIS D 48 9.96 -7.33 -0.03
N TYR D 49 10.47 -6.11 0.15
CA TYR D 49 10.55 -5.14 -0.93
C TYR D 49 11.75 -4.20 -0.76
N SER D 50 12.05 -3.44 -1.81
CA SER D 50 13.23 -2.59 -1.84
C SER D 50 12.94 -1.25 -2.52
N TYR D 51 13.52 -0.19 -1.97
CA TYR D 51 13.38 1.16 -2.55
C TYR D 51 14.65 1.60 -3.28
N GLY D 52 15.59 0.67 -3.45
CA GLY D 52 16.85 0.98 -4.12
C GLY D 52 17.98 0.07 -3.65
N ALA D 53 19.17 0.24 -4.24
CA ALA D 53 20.34 -0.56 -3.91
C ALA D 53 20.73 -0.41 -2.45
N GLY D 54 20.91 -1.54 -1.77
CA GLY D 54 21.28 -1.56 -0.35
C GLY D 54 20.09 -1.56 0.59
N SER D 55 18.91 -1.24 0.04
CA SER D 55 17.68 -1.19 0.82
C SER D 55 16.91 -2.49 0.77
N THR D 56 16.51 -2.98 1.94
CA THR D 56 15.62 -4.13 2.06
C THR D 56 14.60 -3.86 3.15
N GLU D 57 13.32 -4.10 2.85
CA GLU D 57 12.24 -3.83 3.79
C GLU D 57 11.35 -5.05 3.97
N LYS D 58 10.99 -5.33 5.23
CA LYS D 58 10.09 -6.42 5.55
C LYS D 58 8.68 -6.16 5.04
N GLY D 59 8.07 -7.18 4.44
CA GLY D 59 6.71 -7.11 3.96
C GLY D 59 5.72 -7.57 5.01
N ASP D 60 4.67 -8.25 4.58
CA ASP D 60 3.64 -8.74 5.49
C ASP D 60 4.02 -10.09 6.11
N ILE D 61 4.68 -10.94 5.33
CA ILE D 61 5.14 -12.25 5.80
C ILE D 61 6.64 -12.49 5.53
N PRO D 62 7.52 -11.76 6.26
CA PRO D 62 8.96 -11.82 5.98
C PRO D 62 9.67 -13.04 6.60
N ASP D 63 9.02 -13.70 7.55
CA ASP D 63 9.63 -14.78 8.32
C ASP D 63 10.12 -15.95 7.45
N GLY D 64 11.39 -16.31 7.63
CA GLY D 64 12.02 -17.39 6.88
C GLY D 64 12.64 -16.93 5.57
N TYR D 65 12.63 -15.62 5.36
CA TYR D 65 13.15 -15.02 4.12
C TYR D 65 14.10 -13.88 4.40
N LYS D 66 15.13 -13.78 3.56
CA LYS D 66 16.06 -12.66 3.59
C LYS D 66 16.14 -12.06 2.18
N ALA D 67 16.07 -10.74 2.08
CA ALA D 67 16.16 -10.06 0.79
C ALA D 67 17.53 -9.43 0.59
N SER D 68 17.90 -9.24 -0.67
CA SER D 68 19.18 -8.62 -1.02
C SER D 68 19.04 -7.77 -2.28
N ARG D 69 19.46 -6.50 -2.17
CA ARG D 69 19.46 -5.61 -3.31
C ARG D 69 20.88 -5.07 -3.56
N PRO D 70 21.70 -5.85 -4.28
CA PRO D 70 23.09 -5.43 -4.55
C PRO D 70 23.18 -4.32 -5.59
N SER D 71 22.18 -4.22 -6.45
CA SER D 71 22.15 -3.22 -7.52
C SER D 71 20.72 -2.81 -7.86
N GLN D 72 20.60 -1.79 -8.71
CA GLN D 72 19.30 -1.33 -9.19
C GLN D 72 18.58 -2.42 -9.98
N GLU D 73 19.36 -3.22 -10.72
CA GLU D 73 18.81 -4.25 -11.61
C GLU D 73 18.37 -5.53 -10.89
N ASN D 74 19.14 -5.97 -9.90
CA ASN D 74 18.90 -7.27 -9.27
C ASN D 74 18.32 -7.18 -7.86
N PHE D 75 17.30 -8.02 -7.61
CA PHE D 75 16.67 -8.14 -6.30
C PHE D 75 16.45 -9.63 -6.02
N SER D 76 17.11 -10.12 -4.97
CA SER D 76 17.11 -11.55 -4.65
C SER D 76 16.36 -11.89 -3.37
N LEU D 77 15.58 -12.96 -3.43
CA LEU D 77 14.94 -13.53 -2.26
C LEU D 77 15.74 -14.76 -1.83
N ILE D 78 16.28 -14.71 -0.62
CA ILE D 78 17.14 -15.77 -0.11
C ILE D 78 16.44 -16.59 0.98
N LEU D 79 16.48 -17.91 0.82
CA LEU D 79 15.98 -18.85 1.82
C LEU D 79 17.18 -19.61 2.37
N GLU D 80 17.66 -19.17 3.53
CA GLU D 80 18.84 -19.76 4.16
C GLU D 80 18.59 -21.19 4.67
N LEU D 81 17.48 -21.38 5.35
CA LEU D 81 17.05 -22.70 5.79
C LEU D 81 15.66 -22.99 5.25
N ALA D 82 15.64 -23.74 4.15
CA ALA D 82 14.39 -24.06 3.44
C ALA D 82 13.50 -25.00 4.24
N THR D 83 12.19 -24.77 4.14
CA THR D 83 11.19 -25.62 4.77
C THR D 83 10.12 -25.98 3.74
N PRO D 84 9.44 -27.14 3.91
CA PRO D 84 8.35 -27.54 3.01
C PRO D 84 7.20 -26.54 2.94
N SER D 85 7.05 -25.71 3.97
CA SER D 85 6.02 -24.68 4.01
C SER D 85 6.33 -23.52 3.07
N GLN D 86 7.55 -23.52 2.52
CA GLN D 86 7.96 -22.50 1.55
C GLN D 86 7.76 -22.97 0.12
N THR D 87 7.01 -24.06 -0.04
CA THR D 87 6.55 -24.52 -1.35
C THR D 87 5.47 -23.57 -1.85
N SER D 88 5.79 -22.81 -2.89
CA SER D 88 4.89 -21.79 -3.41
C SER D 88 5.29 -21.36 -4.82
N VAL D 89 4.51 -20.44 -5.40
CA VAL D 89 4.89 -19.77 -6.63
C VAL D 89 5.27 -18.33 -6.29
N TYR D 90 6.50 -17.95 -6.61
CA TYR D 90 7.04 -16.67 -6.20
C TYR D 90 7.07 -15.66 -7.35
N PHE D 91 6.44 -14.51 -7.14
CA PHE D 91 6.41 -13.45 -8.14
C PHE D 91 7.24 -12.25 -7.70
N CYS D 92 8.07 -11.78 -8.63
CA CYS D 92 8.85 -10.56 -8.43
C CYS D 92 8.21 -9.43 -9.24
N ALA D 93 8.29 -8.21 -8.73
CA ALA D 93 7.74 -7.05 -9.42
C ALA D 93 8.60 -5.82 -9.22
N SER D 94 8.55 -4.91 -10.19
CA SER D 94 9.25 -3.63 -10.10
C SER D 94 8.33 -2.47 -10.50
N GLY D 95 8.73 -1.25 -10.13
CA GLY D 95 7.99 -0.04 -10.50
C GLY D 95 8.76 1.22 -10.15
N ASP D 96 8.44 2.32 -10.83
CA ASP D 96 8.97 3.63 -10.46
C ASP D 96 8.06 4.30 -9.43
N GLU D 97 8.00 5.63 -9.45
CA GLU D 97 7.18 6.38 -8.49
C GLU D 97 5.68 6.11 -8.60
N GLY D 98 5.23 5.69 -9.78
CA GLY D 98 3.82 5.36 -10.01
C GLY D 98 3.35 4.14 -9.23
N TYR D 99 2.04 3.92 -9.22
CA TYR D 99 1.48 2.78 -8.48
C TYR D 99 1.64 1.44 -9.20
N THR D 100 1.83 1.51 -10.53
CA THR D 100 1.94 0.32 -11.37
C THR D 100 3.14 -0.53 -10.97
N GLN D 101 2.87 -1.81 -10.69
CA GLN D 101 3.92 -2.80 -10.44
C GLN D 101 3.93 -3.80 -11.59
N TYR D 102 5.09 -3.92 -12.24
CA TYR D 102 5.25 -4.78 -13.40
C TYR D 102 5.79 -6.13 -12.94
N PHE D 103 4.98 -7.17 -13.13
CA PHE D 103 5.26 -8.49 -12.56
C PHE D 103 6.10 -9.40 -13.47
N GLY D 104 6.92 -10.23 -12.84
CA GLY D 104 7.70 -11.25 -13.53
C GLY D 104 6.85 -12.48 -13.81
N PRO D 105 7.43 -13.47 -14.53
CA PRO D 105 6.66 -14.64 -14.97
C PRO D 105 6.37 -15.65 -13.87
N GLY D 106 7.04 -15.52 -12.73
CA GLY D 106 6.84 -16.41 -11.60
C GLY D 106 7.86 -17.53 -11.49
N THR D 107 8.05 -18.02 -10.27
CA THR D 107 8.98 -19.11 -9.99
C THR D 107 8.33 -20.18 -9.11
N ARG D 108 8.22 -21.39 -9.65
CA ARG D 108 7.68 -22.51 -8.89
C ARG D 108 8.77 -23.12 -8.00
N LEU D 109 8.51 -23.16 -6.70
CA LEU D 109 9.44 -23.80 -5.76
C LEU D 109 8.77 -24.96 -5.04
N LEU D 110 9.48 -26.08 -4.98
CA LEU D 110 9.05 -27.23 -4.20
C LEU D 110 10.18 -27.65 -3.25
N VAL D 111 9.88 -27.65 -1.96
CA VAL D 111 10.86 -28.06 -0.96
C VAL D 111 10.46 -29.41 -0.38
N LEU D 112 11.26 -30.44 -0.69
CA LEU D 112 11.01 -31.80 -0.22
C LEU D 112 11.75 -32.09 1.09
N GLU D 113 11.32 -33.14 1.77
CA GLU D 113 11.97 -33.58 3.01
C GLU D 113 13.27 -34.34 2.70
N ASP D 114 13.21 -35.18 1.66
CA ASP D 114 14.38 -35.93 1.22
C ASP D 114 14.39 -36.04 -0.30
N LEU D 115 15.58 -36.09 -0.89
CA LEU D 115 15.73 -36.17 -2.35
C LEU D 115 15.98 -37.61 -2.84
N ARG D 116 15.72 -38.58 -1.96
CA ARG D 116 16.01 -39.99 -2.24
C ARG D 116 15.21 -40.58 -3.41
N ASN D 117 14.03 -40.03 -3.65
CA ASN D 117 13.11 -40.57 -4.66
C ASN D 117 13.12 -39.82 -5.99
N VAL D 118 13.91 -38.77 -6.08
CA VAL D 118 14.01 -37.95 -7.30
C VAL D 118 14.52 -38.79 -8.47
N THR D 119 13.76 -38.81 -9.56
CA THR D 119 14.07 -39.60 -10.74
C THR D 119 13.64 -38.84 -12.00
N PRO D 120 14.52 -38.77 -13.02
CA PRO D 120 14.15 -38.19 -14.30
C PRO D 120 13.17 -39.08 -15.07
N PRO D 121 12.42 -38.50 -16.03
CA PRO D 121 11.42 -39.27 -16.77
C PRO D 121 12.01 -40.08 -17.93
N LYS D 122 11.25 -41.07 -18.39
CA LYS D 122 11.49 -41.70 -19.68
C LYS D 122 10.46 -41.17 -20.65
N VAL D 123 10.92 -40.59 -21.76
CA VAL D 123 10.04 -39.97 -22.74
C VAL D 123 9.91 -40.84 -23.98
N SER D 124 8.66 -41.14 -24.35
CA SER D 124 8.37 -41.90 -25.56
C SER D 124 7.40 -41.13 -26.46
N LEU D 125 7.64 -41.22 -27.77
CA LEU D 125 6.75 -40.61 -28.76
C LEU D 125 6.02 -41.69 -29.55
N PHE D 126 4.71 -41.56 -29.63
CA PHE D 126 3.87 -42.54 -30.29
C PHE D 126 3.33 -42.00 -31.61
N GLU D 127 3.57 -42.74 -32.68
CA GLU D 127 3.26 -42.30 -34.03
C GLU D 127 1.76 -42.45 -34.37
N PRO D 128 1.21 -41.48 -35.12
CA PRO D 128 -0.20 -41.42 -35.53
C PRO D 128 -0.73 -42.73 -36.10
N SER D 129 -2.00 -43.02 -35.83
CA SER D 129 -2.68 -44.19 -36.34
C SER D 129 -3.06 -43.99 -37.81
N LYS D 130 -2.76 -44.99 -38.64
CA LYS D 130 -3.12 -44.97 -40.05
C LYS D 130 -4.64 -44.94 -40.25
N ALA D 131 -5.35 -45.51 -39.28
CA ALA D 131 -6.81 -45.49 -39.25
C ALA D 131 -7.35 -44.08 -39.07
N GLU D 132 -6.70 -43.30 -38.21
CA GLU D 132 -7.08 -41.91 -37.97
C GLU D 132 -6.88 -41.06 -39.22
N ILE D 133 -5.75 -41.27 -39.90
CA ILE D 133 -5.39 -40.56 -41.12
C ILE D 133 -6.44 -40.74 -42.22
N SER D 134 -6.88 -41.97 -42.42
CA SER D 134 -7.85 -42.28 -43.48
C SER D 134 -9.29 -42.01 -43.10
N HIS D 135 -9.53 -41.62 -41.85
CA HIS D 135 -10.89 -41.38 -41.34
C HIS D 135 -11.18 -39.90 -41.05
N THR D 136 -10.17 -39.17 -40.60
CA THR D 136 -10.33 -37.77 -40.21
C THR D 136 -9.50 -36.82 -41.06
N GLN D 137 -8.51 -37.38 -41.77
CA GLN D 137 -7.51 -36.61 -42.51
C GLN D 137 -6.63 -35.77 -41.58
N LYS D 138 -6.52 -36.24 -40.33
CA LYS D 138 -5.69 -35.61 -39.31
C LYS D 138 -4.81 -36.66 -38.65
N ALA D 139 -3.66 -36.24 -38.14
CA ALA D 139 -2.71 -37.15 -37.50
C ALA D 139 -2.33 -36.66 -36.10
N THR D 140 -2.64 -37.47 -35.09
CA THR D 140 -2.34 -37.14 -33.70
C THR D 140 -1.13 -37.89 -33.19
N LEU D 141 -0.11 -37.14 -32.77
CA LEU D 141 1.05 -37.70 -32.08
C LEU D 141 0.81 -37.66 -30.58
N VAL D 142 1.27 -38.70 -29.88
CA VAL D 142 1.14 -38.75 -28.43
C VAL D 142 2.50 -38.93 -27.76
N CYS D 143 2.82 -38.01 -26.86
CA CYS D 143 4.04 -38.07 -26.08
C CYS D 143 3.73 -38.62 -24.69
N LEU D 144 4.66 -39.40 -24.13
CA LEU D 144 4.44 -40.02 -22.83
C LEU D 144 5.68 -39.94 -21.94
N ALA D 145 5.58 -39.14 -20.88
CA ALA D 145 6.63 -39.03 -19.87
C ALA D 145 6.26 -39.89 -18.67
N THR D 146 7.15 -40.80 -18.30
CA THR D 146 6.84 -41.79 -17.25
C THR D 146 7.97 -41.95 -16.23
N GLY D 147 7.61 -42.37 -15.02
CA GLY D 147 8.55 -42.78 -13.99
C GLY D 147 9.40 -41.68 -13.38
N PHE D 148 8.83 -40.46 -13.31
CA PHE D 148 9.56 -39.32 -12.76
C PHE D 148 9.04 -38.84 -11.41
N TYR D 149 9.94 -38.28 -10.61
CA TYR D 149 9.59 -37.70 -9.32
C TYR D 149 10.56 -36.55 -9.02
N PRO D 150 10.04 -35.40 -8.53
CA PRO D 150 8.62 -35.07 -8.35
C PRO D 150 7.93 -34.64 -9.66
N ASP D 151 6.74 -34.04 -9.53
CA ASP D 151 5.90 -33.72 -10.69
C ASP D 151 6.22 -32.38 -11.38
N HIS D 152 7.40 -31.83 -11.09
CA HIS D 152 7.83 -30.55 -11.68
C HIS D 152 8.49 -30.75 -13.04
N VAL D 153 7.66 -30.80 -14.09
CA VAL D 153 8.13 -31.02 -15.45
C VAL D 153 7.48 -30.05 -16.45
N GLU D 154 8.21 -29.73 -17.51
CA GLU D 154 7.71 -28.88 -18.58
C GLU D 154 7.79 -29.63 -19.90
N LEU D 155 6.63 -30.05 -20.41
CA LEU D 155 6.55 -30.74 -21.69
C LEU D 155 6.29 -29.73 -22.81
N SER D 156 7.05 -29.85 -23.89
CA SER D 156 6.88 -28.98 -25.06
C SER D 156 7.06 -29.73 -26.38
N TRP D 157 6.32 -29.30 -27.40
CA TRP D 157 6.38 -29.89 -28.72
C TRP D 157 7.19 -29.02 -29.67
N TRP D 158 8.07 -29.65 -30.44
CA TRP D 158 8.94 -28.95 -31.36
C TRP D 158 8.90 -29.57 -32.76
N VAL D 159 8.70 -28.73 -33.76
CA VAL D 159 8.71 -29.17 -35.17
C VAL D 159 9.80 -28.39 -35.92
N ASN D 160 10.77 -29.14 -36.45
CA ASN D 160 11.90 -28.59 -37.19
C ASN D 160 12.70 -27.53 -36.42
N GLY D 161 12.88 -27.77 -35.11
CA GLY D 161 13.65 -26.88 -34.25
C GLY D 161 12.89 -25.68 -33.70
N LYS D 162 11.61 -25.57 -34.06
CA LYS D 162 10.77 -24.48 -33.57
C LYS D 162 9.55 -25.00 -32.82
N GLU D 163 9.23 -24.35 -31.70
CA GLU D 163 8.15 -24.79 -30.81
C GLU D 163 6.78 -24.55 -31.44
N VAL D 164 5.87 -25.51 -31.23
CA VAL D 164 4.50 -25.39 -31.72
C VAL D 164 3.49 -25.42 -30.57
N HIS D 165 2.48 -24.55 -30.66
CA HIS D 165 1.45 -24.43 -29.63
C HIS D 165 0.07 -24.81 -30.17
N SER D 166 -0.15 -24.54 -31.46
CA SER D 166 -1.40 -24.89 -32.13
C SER D 166 -1.54 -26.41 -32.19
N GLY D 167 -2.75 -26.89 -31.89
CA GLY D 167 -3.04 -28.33 -31.91
C GLY D 167 -2.37 -29.11 -30.78
N VAL D 168 -2.05 -28.42 -29.70
CA VAL D 168 -1.38 -29.04 -28.56
C VAL D 168 -2.22 -28.90 -27.29
N CYS D 169 -2.43 -30.02 -26.60
CA CYS D 169 -2.97 -29.98 -25.25
C CYS D 169 -2.29 -31.02 -24.36
N THR D 170 -1.97 -30.62 -23.14
CA THR D 170 -1.25 -31.45 -22.17
C THR D 170 -2.06 -31.60 -20.90
N ASP D 171 -2.02 -32.78 -20.30
CA ASP D 171 -2.73 -33.07 -19.06
C ASP D 171 -2.53 -31.97 -18.02
N PRO D 172 -3.63 -31.46 -17.44
CA PRO D 172 -3.56 -30.36 -16.47
C PRO D 172 -2.65 -30.70 -15.28
N GLN D 173 -2.78 -31.92 -14.77
CA GLN D 173 -1.90 -32.41 -13.71
C GLN D 173 -1.32 -33.78 -14.08
N PRO D 174 -0.08 -34.08 -13.64
CA PRO D 174 0.51 -35.41 -13.85
C PRO D 174 -0.24 -36.50 -13.11
N LEU D 175 -0.07 -37.73 -13.56
CA LEU D 175 -0.81 -38.88 -13.06
C LEU D 175 0.07 -39.77 -12.17
N LYS D 176 -0.45 -40.12 -10.99
CA LYS D 176 0.26 -41.00 -10.05
C LYS D 176 0.31 -42.44 -10.55
N GLU D 177 1.52 -42.97 -10.73
CA GLU D 177 1.71 -44.32 -11.25
C GLU D 177 1.30 -45.40 -10.26
N GLN D 178 1.50 -45.13 -8.97
CA GLN D 178 1.06 -46.03 -7.90
C GLN D 178 0.47 -45.23 -6.73
N PRO D 179 -0.85 -44.93 -6.79
CA PRO D 179 -1.55 -44.09 -5.81
C PRO D 179 -1.41 -44.54 -4.36
N ALA D 180 -1.23 -45.85 -4.14
CA ALA D 180 -1.09 -46.40 -2.79
C ALA D 180 0.17 -45.91 -2.07
N LEU D 181 1.22 -45.65 -2.83
CA LEU D 181 2.48 -45.15 -2.29
C LEU D 181 2.45 -43.62 -2.11
N ASN D 182 2.94 -43.16 -0.96
CA ASN D 182 3.01 -41.73 -0.67
C ASN D 182 4.02 -40.99 -1.54
N ASP D 183 5.12 -41.68 -1.87
CA ASP D 183 6.18 -41.12 -2.70
C ASP D 183 6.11 -41.63 -4.14
N SER D 184 4.89 -41.80 -4.64
CA SER D 184 4.63 -42.34 -5.97
C SER D 184 5.27 -41.51 -7.07
N ARG D 185 5.78 -42.20 -8.09
CA ARG D 185 6.31 -41.55 -9.28
C ARG D 185 5.17 -41.13 -10.20
N TYR D 186 5.44 -40.15 -11.07
CA TYR D 186 4.40 -39.54 -11.88
C TYR D 186 4.50 -39.89 -13.37
N SER D 187 3.36 -39.75 -14.06
CA SER D 187 3.30 -39.88 -15.52
C SER D 187 2.54 -38.71 -16.11
N LEU D 188 2.85 -38.38 -17.37
CA LEU D 188 2.24 -37.25 -18.04
C LEU D 188 2.13 -37.49 -19.54
N SER D 189 0.94 -37.23 -20.10
CA SER D 189 0.72 -37.37 -21.53
C SER D 189 0.46 -36.02 -22.20
N SER D 190 0.76 -35.96 -23.50
CA SER D 190 0.47 -34.79 -24.32
C SER D 190 0.09 -35.21 -25.73
N ARG D 191 -0.57 -34.32 -26.46
CA ARG D 191 -1.03 -34.60 -27.81
C ARG D 191 -0.72 -33.47 -28.76
N LEU D 192 -0.14 -33.80 -29.90
CA LEU D 192 0.02 -32.85 -31.00
C LEU D 192 -0.72 -33.37 -32.22
N ARG D 193 -1.78 -32.64 -32.61
CA ARG D 193 -2.56 -33.01 -33.78
C ARG D 193 -2.25 -32.09 -34.94
N VAL D 194 -1.91 -32.70 -36.08
CA VAL D 194 -1.64 -31.97 -37.31
C VAL D 194 -2.47 -32.56 -38.45
N SER D 195 -2.48 -31.89 -39.60
CA SER D 195 -3.10 -32.43 -40.80
C SER D 195 -2.33 -33.65 -41.28
N ALA D 196 -3.04 -34.61 -41.87
CA ALA D 196 -2.43 -35.83 -42.41
C ALA D 196 -1.29 -35.49 -43.36
N THR D 197 -1.55 -34.54 -44.27
CA THR D 197 -0.56 -34.11 -45.26
C THR D 197 0.72 -33.52 -44.65
N PHE D 198 0.61 -32.98 -43.44
CA PHE D 198 1.77 -32.45 -42.71
C PHE D 198 2.61 -33.58 -42.12
N TRP D 199 1.94 -34.58 -41.55
CA TRP D 199 2.62 -35.75 -40.98
C TRP D 199 3.25 -36.63 -42.06
N GLN D 200 2.61 -36.68 -43.22
CA GLN D 200 3.08 -37.49 -44.35
C GLN D 200 4.35 -36.94 -45.01
N ASN D 201 4.77 -35.75 -44.58
CA ASN D 201 5.98 -35.11 -45.08
C ASN D 201 7.24 -35.65 -44.38
N PRO D 202 8.12 -36.35 -45.13
CA PRO D 202 9.32 -36.93 -44.56
C PRO D 202 10.42 -35.92 -44.22
N ARG D 203 10.10 -34.63 -44.30
CA ARG D 203 11.06 -33.57 -44.00
C ARG D 203 10.71 -32.80 -42.72
N ASN D 204 9.52 -33.05 -42.19
CA ASN D 204 9.11 -32.50 -40.90
C ASN D 204 9.62 -33.37 -39.76
N HIS D 205 10.44 -32.77 -38.90
CA HIS D 205 11.01 -33.49 -37.76
C HIS D 205 10.24 -33.16 -36.49
N PHE D 206 9.57 -34.17 -35.95
CA PHE D 206 8.74 -34.03 -34.76
C PHE D 206 9.49 -34.44 -33.50
N ARG D 207 9.43 -33.60 -32.48
CA ARG D 207 10.11 -33.88 -31.23
C ARG D 207 9.31 -33.43 -30.00
N CYS D 208 9.19 -34.34 -29.04
CA CYS D 208 8.63 -34.03 -27.73
C CYS D 208 9.76 -34.02 -26.70
N GLN D 209 9.89 -32.91 -25.99
CA GLN D 209 10.88 -32.80 -24.92
C GLN D 209 10.24 -32.49 -23.57
N VAL D 210 10.77 -33.13 -22.53
CA VAL D 210 10.35 -32.86 -21.17
C VAL D 210 11.51 -32.25 -20.40
N GLN D 211 11.33 -31.00 -19.97
CA GLN D 211 12.28 -30.35 -19.09
C GLN D 211 12.00 -30.80 -17.66
N PHE D 212 12.86 -31.68 -17.16
CA PHE D 212 12.74 -32.20 -15.80
C PHE D 212 13.56 -31.35 -14.83
N TYR D 213 12.97 -31.04 -13.68
CA TYR D 213 13.67 -30.30 -12.64
C TYR D 213 13.91 -31.23 -11.46
N GLY D 214 15.19 -31.47 -11.17
CA GLY D 214 15.59 -32.34 -10.07
C GLY D 214 16.71 -31.75 -9.25
N LEU D 215 17.79 -32.50 -9.09
CA LEU D 215 18.92 -32.08 -8.28
C LEU D 215 19.83 -31.09 -9.01
N SER D 216 20.61 -30.35 -8.22
CA SER D 216 21.65 -29.48 -8.75
C SER D 216 22.98 -30.23 -8.69
N GLU D 217 24.00 -29.68 -9.36
CA GLU D 217 25.35 -30.24 -9.30
C GLU D 217 25.95 -30.15 -7.90
N ASN D 218 25.47 -29.18 -7.11
CA ASN D 218 25.92 -28.97 -5.74
C ASN D 218 25.29 -29.96 -4.74
N ASP D 219 24.07 -30.40 -5.04
CA ASP D 219 23.37 -31.38 -4.21
C ASP D 219 24.09 -32.72 -4.25
N GLU D 220 24.35 -33.27 -3.06
CA GLU D 220 25.10 -34.54 -2.96
C GLU D 220 24.21 -35.76 -3.20
N TRP D 221 24.82 -36.82 -3.72
CA TRP D 221 24.12 -38.03 -4.12
C TRP D 221 24.89 -39.27 -3.68
N THR D 222 24.28 -40.08 -2.81
CA THR D 222 24.93 -41.25 -2.23
C THR D 222 24.26 -42.57 -2.61
N GLN D 223 23.60 -42.58 -3.77
CA GLN D 223 22.97 -43.80 -4.29
C GLN D 223 23.73 -44.38 -5.47
N ASP D 224 23.55 -45.68 -5.70
CA ASP D 224 24.26 -46.40 -6.75
C ASP D 224 23.83 -45.99 -8.16
N ARG D 225 22.57 -45.56 -8.30
CA ARG D 225 22.05 -45.11 -9.59
C ARG D 225 22.52 -43.72 -10.00
N ALA D 226 22.30 -43.37 -11.26
CA ALA D 226 22.71 -42.08 -11.81
C ALA D 226 22.04 -40.91 -11.10
N LYS D 227 22.78 -39.81 -10.97
CA LYS D 227 22.33 -38.61 -10.30
C LYS D 227 21.19 -37.92 -11.08
N PRO D 228 20.02 -37.74 -10.42
CA PRO D 228 18.82 -37.20 -11.07
C PRO D 228 18.81 -35.68 -11.17
N VAL D 229 19.78 -35.14 -11.92
CA VAL D 229 19.93 -33.69 -12.08
C VAL D 229 18.87 -33.09 -13.00
N THR D 230 18.74 -31.76 -12.94
CA THR D 230 17.87 -31.02 -13.85
C THR D 230 18.38 -31.26 -15.28
N GLN D 231 17.48 -31.78 -16.13
CA GLN D 231 17.86 -32.23 -17.47
C GLN D 231 16.69 -32.21 -18.44
N ILE D 232 17.00 -32.30 -19.73
CA ILE D 232 16.00 -32.47 -20.78
C ILE D 232 16.01 -33.91 -21.26
N VAL D 233 14.85 -34.56 -21.20
CA VAL D 233 14.68 -35.88 -21.79
C VAL D 233 13.71 -35.76 -22.96
N SER D 234 14.04 -36.39 -24.08
CA SER D 234 13.31 -36.18 -25.32
C SER D 234 13.04 -37.45 -26.12
N ALA D 235 11.96 -37.41 -26.90
CA ALA D 235 11.64 -38.45 -27.88
C ALA D 235 11.34 -37.81 -29.22
N GLU D 236 11.66 -38.52 -30.29
CA GLU D 236 11.74 -37.93 -31.62
C GLU D 236 11.28 -38.89 -32.72
N ALA D 237 10.62 -38.33 -33.73
CA ALA D 237 10.21 -39.09 -34.92
C ALA D 237 10.16 -38.21 -36.17
N TRP D 238 10.41 -38.82 -37.32
CA TRP D 238 10.27 -38.15 -38.60
C TRP D 238 8.93 -38.48 -39.24
N GLY D 239 8.45 -37.58 -40.08
CA GLY D 239 7.23 -37.82 -40.86
C GLY D 239 7.45 -38.88 -41.92
N ARG D 240 6.36 -39.52 -42.35
CA ARG D 240 6.42 -40.62 -43.33
C ARG D 240 5.13 -40.77 -44.12
N ALA D 241 5.27 -41.22 -45.37
CA ALA D 241 4.13 -41.39 -46.28
C ALA D 241 3.21 -42.54 -45.85
#